data_4MBG
#
_entry.id   4MBG
#
_cell.length_a   63.252
_cell.length_b   90.793
_cell.length_c   83.138
_cell.angle_alpha   90.00
_cell.angle_beta   110.87
_cell.angle_gamma   90.00
#
_symmetry.space_group_name_H-M   'P 1 21 1'
#
loop_
_entity.id
_entity.type
_entity.pdbx_description
1 polymer 'CaaX farnesyltransferase alpha subunit Ram2'
2 polymer 'CaaX farnesyltransferase beta subunit Ram1'
3 non-polymer 1,2-ETHANEDIOL
4 non-polymer 'FARNESYL DIPHOSPHATE'
5 non-polymer 'ZINC ION'
6 non-polymer 'POTASSIUM ION'
7 water water
#
loop_
_entity_poly.entity_id
_entity_poly.type
_entity_poly.pdbx_seq_one_letter_code
_entity_poly.pdbx_strand_id
1 'polypeptide(L)'
;MGSSHHHHHHSQDPMEGKYSSDPEWASIKPIELNDGSDFGAMPLATISYSPEYLEATSYLRAVMAANEMSERALRLTGDI
ISMNPAHYTVWIYRAKILFALGKDLNEEIEWLNKVALKHLKNYQIWHHRQVLMSSRAHFPTLPPREQDFLMEMFAQDAKS
YHVWTYRHWLVRHFKLWDHPREIQDVEALLKADVRNNSAWNHRYMLRFGPRDENEFDAGLHNTTGPSSEKGRLPVVDEDL
VDSELQYSQSRILEAPENRSPWSYARGVLQAAGRPLSEWKDFARSFVVEKQENGQVVDVAVKSSHAIEWLADVYAEEDGS
EGSAAEAVKMLTLLKEKYDPIRRNYWEYRIRQITASAAHATEISASA
;
A
2 'polypeptide(L)'
;MPVIAATGKHRRKVLFSSTSQGLSVTAGKPKGRKFSANLQVNSRSPAVTSSHNHSSSSQSGKMGESQVHPGIPALFREPP
LIHDLLSTETTELQSETVNKCLPLLKGIHNSQKGPFNKYGIPALQRKDHLEYLYDSLEDYPASFVALDASRPWMVYWALA
GLCLLGEDVTRFRERVISTFTAAQNSTGGIGGGHGQMSHVASSYAAVLSIAMVGGEEAFKLIDRKAMWKWLGKLKQPDGG
FTVCEGGEEDVRGAYCAMVVHALLDLPLALPPEAEARQNGLETFTDGLPEYLSRCQTYEGGISGSPGSEAHGAYAFCALA
CLCLLGRPEVVVPRYMNIATLLPWLSARQYAPEGGFSGRTNKLVDGCYSHWVGNCWPLVQAALDGTQPLAGPKRSSVGNL
YSREGLTRYILSCCQCKLGGLRDKPGKHPDSYHTCYALTGLSTVQYYHYCTDSSVSSKDDFSSAFSWKHDPNFASDGQGS
DIGVFTENDRLVPFHPIFVIPHKSAEDIRVWFENQSFDL
;
B
#
loop_
_chem_comp.id
_chem_comp.type
_chem_comp.name
_chem_comp.formula
EDO non-polymer 1,2-ETHANEDIOL 'C2 H6 O2'
FPP non-polymer 'FARNESYL DIPHOSPHATE' 'C15 H28 O7 P2'
K non-polymer 'POTASSIUM ION' 'K 1'
ZN non-polymer 'ZINC ION' 'Zn 2'
#
# COMPACT_ATOMS: atom_id res chain seq x y z
N GLY A 17 11.83 -10.60 -39.77
CA GLY A 17 11.55 -9.65 -38.71
C GLY A 17 11.15 -8.29 -39.27
N LYS A 18 10.11 -7.68 -38.70
CA LYS A 18 9.58 -6.41 -39.22
C LYS A 18 10.62 -5.29 -39.21
N TYR A 19 11.25 -5.08 -38.06
CA TYR A 19 12.29 -4.05 -37.92
C TYR A 19 13.53 -4.36 -38.74
N SER A 20 14.03 -5.59 -38.63
CA SER A 20 15.28 -5.96 -39.30
C SER A 20 15.20 -5.93 -40.83
N SER A 21 14.00 -5.95 -41.39
CA SER A 21 13.85 -5.91 -42.84
C SER A 21 13.47 -4.53 -43.37
N ASP A 22 13.18 -3.61 -42.46
CA ASP A 22 12.69 -2.27 -42.83
C ASP A 22 13.86 -1.33 -43.11
N PRO A 23 13.93 -0.77 -44.33
CA PRO A 23 15.02 0.20 -44.61
C PRO A 23 15.01 1.39 -43.67
N GLU A 24 13.84 1.73 -43.12
CA GLU A 24 13.71 2.78 -42.12
C GLU A 24 14.62 2.55 -40.92
N TRP A 25 14.93 1.29 -40.67
CA TRP A 25 15.67 0.88 -39.48
C TRP A 25 17.08 0.41 -39.80
N ALA A 26 17.47 0.43 -41.07
CA ALA A 26 18.77 -0.11 -41.47
C ALA A 26 19.97 0.55 -40.77
N SER A 27 19.83 1.84 -40.47
CA SER A 27 20.94 2.65 -39.96
C SER A 27 21.31 2.39 -38.51
N ILE A 28 20.62 1.47 -37.84
CA ILE A 28 20.92 1.18 -36.45
C ILE A 28 20.91 -0.33 -36.17
N LYS A 29 21.90 -0.79 -35.41
CA LYS A 29 21.99 -2.21 -35.07
C LYS A 29 21.31 -2.49 -33.74
N PRO A 30 20.42 -3.49 -33.71
CA PRO A 30 19.72 -3.79 -32.45
C PRO A 30 20.67 -4.40 -31.44
N ILE A 31 20.36 -4.26 -30.15
CA ILE A 31 21.11 -4.89 -29.07
C ILE A 31 20.32 -6.09 -28.54
N GLU A 32 20.88 -7.26 -28.76
CA GLU A 32 20.31 -8.56 -28.40
CA GLU A 32 20.21 -8.51 -28.40
C GLU A 32 20.08 -8.70 -26.88
N LEU A 33 19.04 -9.44 -26.49
CA LEU A 33 18.77 -9.69 -25.06
C LEU A 33 19.87 -10.51 -24.41
N ASN A 34 20.34 -10.03 -23.26
CA ASN A 34 21.23 -10.77 -22.38
C ASN A 34 20.46 -11.02 -21.10
N ASP A 35 19.87 -12.22 -20.94
CA ASP A 35 19.05 -12.46 -19.77
C ASP A 35 19.84 -13.18 -18.68
N GLY A 36 21.09 -13.52 -18.98
CA GLY A 36 21.92 -14.27 -18.06
C GLY A 36 21.97 -15.75 -18.40
N SER A 37 21.16 -16.15 -19.37
CA SER A 37 21.10 -17.56 -19.79
C SER A 37 22.09 -17.82 -20.92
N ASP A 38 23.36 -17.99 -20.57
CA ASP A 38 24.39 -18.27 -21.55
C ASP A 38 25.74 -18.14 -20.87
N PHE A 39 25.87 -17.15 -20.00
CA PHE A 39 27.11 -16.92 -19.28
C PHE A 39 27.32 -17.89 -18.12
N GLY A 40 26.42 -17.88 -17.13
CA GLY A 40 26.59 -18.69 -15.94
C GLY A 40 25.43 -19.60 -15.59
N ALA A 41 24.97 -19.53 -14.34
CA ALA A 41 23.78 -20.27 -13.90
C ALA A 41 22.53 -19.73 -14.57
N MET A 42 21.48 -20.55 -14.59
N MET A 42 21.48 -20.54 -14.60
CA MET A 42 20.22 -20.19 -15.23
CA MET A 42 20.27 -20.16 -15.31
C MET A 42 19.45 -19.14 -14.45
C MET A 42 19.42 -19.19 -14.50
N PRO A 43 18.98 -18.08 -15.13
CA PRO A 43 18.18 -17.05 -14.47
C PRO A 43 16.81 -17.58 -14.05
N LEU A 44 16.14 -16.80 -13.20
CA LEU A 44 14.89 -17.22 -12.60
C LEU A 44 13.69 -16.50 -13.22
N ALA A 45 12.53 -17.16 -13.19
CA ALA A 45 11.26 -16.51 -13.62
C ALA A 45 11.38 -15.89 -15.01
N THR A 46 11.95 -16.66 -15.93
CA THR A 46 12.13 -16.16 -17.30
C THR A 46 10.79 -16.18 -18.04
N ILE A 47 10.71 -15.40 -19.11
CA ILE A 47 9.53 -15.38 -19.97
C ILE A 47 9.99 -15.68 -21.38
N SER A 48 9.34 -16.63 -22.03
CA SER A 48 9.65 -16.97 -23.41
C SER A 48 8.95 -15.98 -24.35
N TYR A 49 9.53 -14.77 -24.46
CA TYR A 49 8.98 -13.68 -25.27
C TYR A 49 8.70 -14.11 -26.71
N SER A 50 7.67 -13.53 -27.31
CA SER A 50 7.41 -13.72 -28.73
C SER A 50 8.57 -13.17 -29.54
N PRO A 51 8.78 -13.69 -30.74
CA PRO A 51 9.83 -13.11 -31.58
C PRO A 51 9.60 -11.61 -31.87
N GLU A 52 8.34 -11.18 -32.01
CA GLU A 52 8.04 -9.78 -32.31
C GLU A 52 8.46 -8.87 -31.16
N TYR A 53 8.22 -9.32 -29.93
CA TYR A 53 8.57 -8.53 -28.77
C TYR A 53 10.08 -8.53 -28.57
N LEU A 54 10.74 -9.67 -28.79
CA LEU A 54 12.21 -9.72 -28.69
C LEU A 54 12.83 -8.74 -29.69
N GLU A 55 12.32 -8.73 -30.92
CA GLU A 55 12.94 -7.87 -31.92
C GLU A 55 12.72 -6.40 -31.60
N ALA A 56 11.48 -6.01 -31.30
CA ALA A 56 11.17 -4.62 -31.01
C ALA A 56 11.98 -4.13 -29.80
N THR A 57 12.05 -4.93 -28.75
CA THR A 57 12.81 -4.50 -27.58
C THR A 57 14.32 -4.44 -27.83
N SER A 58 14.84 -5.25 -28.75
CA SER A 58 16.26 -5.15 -29.10
CA SER A 58 16.26 -5.16 -29.11
C SER A 58 16.56 -3.83 -29.81
N TYR A 59 15.64 -3.39 -30.65
CA TYR A 59 15.76 -2.08 -31.27
C TYR A 59 15.55 -0.95 -30.25
N LEU A 60 14.67 -1.16 -29.27
CA LEU A 60 14.50 -0.13 -28.24
C LEU A 60 15.81 0.07 -27.44
N ARG A 61 16.47 -1.02 -27.10
CA ARG A 61 17.73 -0.92 -26.40
C ARG A 61 18.72 -0.06 -27.18
N ALA A 62 18.79 -0.31 -28.49
CA ALA A 62 19.70 0.40 -29.35
C ALA A 62 19.37 1.88 -29.44
N VAL A 63 18.09 2.22 -29.64
CA VAL A 63 17.77 3.65 -29.72
C VAL A 63 17.95 4.39 -28.39
N MET A 64 17.63 3.75 -27.26
CA MET A 64 17.82 4.42 -25.98
C MET A 64 19.31 4.61 -25.67
N ALA A 65 20.13 3.63 -26.01
CA ALA A 65 21.58 3.73 -25.83
C ALA A 65 22.15 4.90 -26.60
N ALA A 66 21.55 5.20 -27.75
CA ALA A 66 22.02 6.27 -28.62
C ALA A 66 21.36 7.61 -28.26
N ASN A 67 20.44 7.58 -27.30
CA ASN A 67 19.64 8.74 -26.94
C ASN A 67 18.92 9.33 -28.15
N GLU A 68 18.40 8.43 -28.99
CA GLU A 68 17.80 8.84 -30.25
C GLU A 68 16.40 9.43 -30.04
N MET A 69 16.25 10.67 -30.48
CA MET A 69 14.96 11.35 -30.47
C MET A 69 14.50 11.45 -31.91
N SER A 70 13.63 10.53 -32.33
CA SER A 70 13.22 10.44 -33.73
C SER A 70 11.78 9.99 -33.91
N GLU A 71 11.25 10.22 -35.10
CA GLU A 71 9.92 9.73 -35.45
C GLU A 71 9.88 8.21 -35.46
N ARG A 72 10.94 7.55 -35.93
CA ARG A 72 10.95 6.08 -35.94
C ARG A 72 10.96 5.53 -34.51
N ALA A 73 11.73 6.17 -33.64
CA ALA A 73 11.78 5.74 -32.23
C ALA A 73 10.40 5.93 -31.58
N LEU A 74 9.73 7.03 -31.92
CA LEU A 74 8.41 7.28 -31.36
C LEU A 74 7.46 6.17 -31.79
N ARG A 75 7.48 5.79 -33.07
CA ARG A 75 6.61 4.71 -33.54
C ARG A 75 6.94 3.39 -32.84
N LEU A 76 8.24 3.17 -32.60
CA LEU A 76 8.69 1.95 -31.94
C LEU A 76 8.10 1.90 -30.54
N THR A 77 8.12 3.03 -29.84
CA THR A 77 7.53 3.02 -28.48
C THR A 77 6.05 2.68 -28.53
N GLY A 78 5.36 3.17 -29.55
CA GLY A 78 3.96 2.86 -29.71
C GLY A 78 3.70 1.38 -29.95
N ASP A 79 4.58 0.77 -30.75
CA ASP A 79 4.51 -0.66 -31.05
C ASP A 79 4.74 -1.51 -29.80
N ILE A 80 5.78 -1.16 -29.03
CA ILE A 80 6.05 -1.88 -27.79
C ILE A 80 4.88 -1.76 -26.80
N ILE A 81 4.34 -0.56 -26.66
CA ILE A 81 3.14 -0.33 -25.81
C ILE A 81 1.94 -1.19 -26.24
N SER A 82 1.76 -1.38 -27.54
CA SER A 82 0.70 -2.27 -28.03
C SER A 82 0.90 -3.73 -27.59
N MET A 83 2.14 -4.12 -27.39
CA MET A 83 2.45 -5.49 -26.93
C MET A 83 2.50 -5.59 -25.41
N ASN A 84 2.95 -4.53 -24.76
CA ASN A 84 3.11 -4.53 -23.31
C ASN A 84 3.02 -3.12 -22.73
N PRO A 85 1.81 -2.70 -22.34
CA PRO A 85 1.67 -1.34 -21.81
C PRO A 85 2.18 -1.24 -20.37
N ALA A 86 2.63 -2.34 -19.81
CA ALA A 86 3.21 -2.32 -18.47
C ALA A 86 4.75 -2.20 -18.51
N HIS A 87 5.30 -1.78 -19.65
CA HIS A 87 6.74 -1.55 -19.79
C HIS A 87 7.05 -0.11 -19.36
N TYR A 88 7.43 0.10 -18.10
CA TYR A 88 7.53 1.48 -17.58
C TYR A 88 8.60 2.28 -18.32
N THR A 89 9.70 1.62 -18.66
CA THR A 89 10.78 2.31 -19.37
C THR A 89 10.31 2.92 -20.69
N VAL A 90 9.52 2.19 -21.46
CA VAL A 90 9.16 2.69 -22.79
C VAL A 90 8.29 3.94 -22.71
N TRP A 91 7.42 4.02 -21.68
CA TRP A 91 6.59 5.21 -21.51
C TRP A 91 7.42 6.45 -21.19
N ILE A 92 8.39 6.32 -20.31
CA ILE A 92 9.28 7.42 -19.96
C ILE A 92 10.10 7.89 -21.19
N TYR A 93 10.60 6.94 -21.96
CA TYR A 93 11.36 7.28 -23.17
C TYR A 93 10.43 7.93 -24.20
N ARG A 94 9.22 7.41 -24.35
CA ARG A 94 8.24 8.04 -25.25
C ARG A 94 7.99 9.52 -24.88
N ALA A 95 7.84 9.84 -23.59
CA ALA A 95 7.63 11.22 -23.22
C ALA A 95 8.82 12.10 -23.59
N LYS A 96 10.03 11.58 -23.41
CA LYS A 96 11.24 12.32 -23.77
C LYS A 96 11.19 12.70 -25.24
N ILE A 97 10.83 11.73 -26.07
CA ILE A 97 10.78 11.97 -27.51
C ILE A 97 9.72 13.00 -27.87
N LEU A 98 8.52 12.86 -27.31
CA LEU A 98 7.44 13.79 -27.61
C LEU A 98 7.88 15.23 -27.33
N PHE A 99 8.55 15.45 -26.21
CA PHE A 99 9.00 16.81 -25.90
C PHE A 99 10.17 17.25 -26.79
N ALA A 100 11.13 16.36 -26.98
CA ALA A 100 12.31 16.66 -27.82
C ALA A 100 11.93 17.07 -29.24
N LEU A 101 10.90 16.42 -29.80
CA LEU A 101 10.51 16.70 -31.17
C LEU A 101 9.44 17.78 -31.30
N GLY A 102 8.94 18.30 -30.17
CA GLY A 102 7.88 19.28 -30.22
C GLY A 102 6.61 18.70 -30.83
N LYS A 103 6.33 17.43 -30.54
CA LYS A 103 5.12 16.78 -31.05
C LYS A 103 3.83 17.44 -30.54
N ASP A 104 2.77 17.31 -31.31
CA ASP A 104 1.46 17.85 -30.92
C ASP A 104 0.93 17.00 -29.77
N LEU A 105 0.83 17.59 -28.59
CA LEU A 105 0.44 16.79 -27.42
C LEU A 105 -1.07 16.62 -27.34
N ASN A 106 -1.82 17.46 -28.06
CA ASN A 106 -3.27 17.24 -28.17
C ASN A 106 -3.52 15.89 -28.84
N GLU A 107 -2.76 15.62 -29.89
CA GLU A 107 -2.90 14.35 -30.61
C GLU A 107 -2.40 13.18 -29.76
N GLU A 108 -1.37 13.41 -28.95
CA GLU A 108 -0.86 12.36 -28.07
C GLU A 108 -1.93 12.02 -27.04
N ILE A 109 -2.64 13.03 -26.52
CA ILE A 109 -3.70 12.77 -25.53
C ILE A 109 -4.84 11.98 -26.17
N GLU A 110 -5.22 12.32 -27.40
CA GLU A 110 -6.29 11.55 -28.07
CA GLU A 110 -6.29 11.56 -28.06
C GLU A 110 -5.90 10.09 -28.24
N TRP A 111 -4.62 9.84 -28.54
CA TRP A 111 -4.14 8.45 -28.64
C TRP A 111 -4.11 7.78 -27.27
N LEU A 112 -3.64 8.53 -26.27
CA LEU A 112 -3.55 7.98 -24.92
C LEU A 112 -4.91 7.59 -24.37
N ASN A 113 -5.95 8.36 -24.71
CA ASN A 113 -7.32 8.03 -24.29
C ASN A 113 -7.72 6.62 -24.74
N LYS A 114 -7.35 6.28 -25.96
CA LYS A 114 -7.67 4.96 -26.51
C LYS A 114 -6.93 3.87 -25.77
N VAL A 115 -5.65 4.11 -25.44
CA VAL A 115 -4.88 3.13 -24.68
C VAL A 115 -5.49 2.95 -23.28
N ALA A 116 -5.86 4.07 -22.65
CA ALA A 116 -6.47 4.04 -21.32
C ALA A 116 -7.79 3.24 -21.29
N LEU A 117 -8.58 3.38 -22.35
CA LEU A 117 -9.88 2.69 -22.42
C LEU A 117 -9.69 1.19 -22.62
N LYS A 118 -8.56 0.80 -23.20
CA LYS A 118 -8.30 -0.63 -23.42
C LYS A 118 -7.72 -1.30 -22.19
N HIS A 119 -7.02 -0.53 -21.36
CA HIS A 119 -6.31 -1.08 -20.20
C HIS A 119 -6.70 -0.33 -18.94
N LEU A 120 -7.92 -0.58 -18.46
CA LEU A 120 -8.45 0.16 -17.33
C LEU A 120 -7.59 0.15 -16.08
N LYS A 121 -6.91 -0.97 -15.81
CA LYS A 121 -6.19 -1.10 -14.56
C LYS A 121 -4.74 -0.62 -14.64
N ASN A 122 -4.33 -0.13 -15.80
CA ASN A 122 -2.93 0.29 -16.01
C ASN A 122 -2.68 1.67 -15.45
N TYR A 123 -1.71 1.79 -14.53
CA TYR A 123 -1.43 3.09 -13.93
C TYR A 123 -0.32 3.90 -14.62
N GLN A 124 0.55 3.23 -15.37
CA GLN A 124 1.65 3.88 -16.07
C GLN A 124 1.11 4.93 -17.05
N ILE A 125 0.01 4.59 -17.71
CA ILE A 125 -0.73 5.46 -18.63
C ILE A 125 -1.12 6.77 -17.97
N TRP A 126 -1.44 6.70 -16.68
CA TRP A 126 -1.95 7.86 -15.94
C TRP A 126 -0.82 8.75 -15.41
N HIS A 127 0.34 8.15 -15.10
CA HIS A 127 1.50 9.00 -14.86
C HIS A 127 1.90 9.73 -16.15
N HIS A 128 1.89 9.02 -17.26
CA HIS A 128 2.24 9.62 -18.57
C HIS A 128 1.29 10.78 -18.85
N ARG A 129 0.00 10.61 -18.58
CA ARG A 129 -0.95 11.70 -18.77
C ARG A 129 -0.58 12.94 -17.95
N GLN A 130 -0.18 12.73 -16.69
CA GLN A 130 0.18 13.85 -15.81
C GLN A 130 1.43 14.58 -16.37
N VAL A 131 2.38 13.79 -16.87
CA VAL A 131 3.62 14.34 -17.44
C VAL A 131 3.31 15.24 -18.63
N LEU A 132 2.43 14.78 -19.52
CA LEU A 132 2.05 15.58 -20.68
C LEU A 132 1.24 16.81 -20.28
N MET A 133 0.20 16.60 -19.47
CA MET A 133 -0.76 17.65 -19.12
C MET A 133 -0.09 18.77 -18.31
N SER A 134 1.04 18.45 -17.68
CA SER A 134 1.75 19.42 -16.83
C SER A 134 2.47 20.49 -17.64
N SER A 135 2.55 20.31 -18.95
CA SER A 135 3.25 21.27 -19.79
C SER A 135 2.34 22.45 -20.11
N ARG A 136 2.57 23.58 -19.46
CA ARG A 136 1.70 24.74 -19.63
C ARG A 136 1.81 25.34 -21.02
N ALA A 137 2.94 25.10 -21.70
CA ALA A 137 3.10 25.58 -23.08
C ALA A 137 2.08 24.92 -24.00
N HIS A 138 1.75 23.66 -23.71
CA HIS A 138 0.83 22.88 -24.54
C HIS A 138 -0.59 22.92 -24.02
N PHE A 139 -0.74 22.98 -22.69
CA PHE A 139 -2.07 22.97 -22.08
C PHE A 139 -2.17 24.10 -21.08
N PRO A 140 -2.33 25.35 -21.56
CA PRO A 140 -2.31 26.47 -20.61
C PRO A 140 -3.52 26.47 -19.68
N THR A 141 -4.63 25.89 -20.15
CA THR A 141 -5.84 25.82 -19.37
C THR A 141 -6.45 24.42 -19.47
N LEU A 142 -7.39 24.12 -18.59
CA LEU A 142 -8.07 22.82 -18.59
C LEU A 142 -8.68 22.53 -19.97
N PRO A 143 -8.27 21.41 -20.59
CA PRO A 143 -8.88 21.11 -21.90
C PRO A 143 -10.39 20.87 -21.79
N PRO A 144 -11.16 21.29 -22.81
CA PRO A 144 -12.62 21.33 -22.66
C PRO A 144 -13.34 19.99 -22.52
N ARG A 145 -12.68 18.88 -22.83
CA ARG A 145 -13.36 17.58 -22.65
C ARG A 145 -12.54 16.64 -21.73
N GLU A 146 -11.58 17.21 -21.02
CA GLU A 146 -10.78 16.42 -20.08
C GLU A 146 -11.63 15.84 -18.94
N GLN A 147 -12.46 16.65 -18.29
CA GLN A 147 -13.31 16.12 -17.21
C GLN A 147 -14.27 15.03 -17.72
N ASP A 148 -14.82 15.23 -18.93
CA ASP A 148 -15.69 14.20 -19.49
C ASP A 148 -14.95 12.89 -19.69
N PHE A 149 -13.68 12.94 -20.08
CA PHE A 149 -12.94 11.70 -20.26
C PHE A 149 -12.76 10.99 -18.93
N LEU A 150 -12.45 11.75 -17.89
CA LEU A 150 -12.31 11.12 -16.57
C LEU A 150 -13.61 10.44 -16.19
N MET A 151 -14.75 11.06 -16.52
CA MET A 151 -16.04 10.42 -16.22
C MET A 151 -16.30 9.18 -17.06
N GLU A 152 -15.77 9.12 -18.29
CA GLU A 152 -15.90 7.89 -19.05
CA GLU A 152 -15.86 7.90 -19.09
C GLU A 152 -15.13 6.77 -18.38
N MET A 153 -13.99 7.11 -17.76
CA MET A 153 -13.24 6.11 -16.97
C MET A 153 -14.02 5.69 -15.71
N PHE A 154 -14.56 6.66 -14.98
CA PHE A 154 -15.23 6.34 -13.73
C PHE A 154 -16.54 5.58 -13.98
N ALA A 155 -17.14 5.77 -15.16
CA ALA A 155 -18.34 4.99 -15.51
C ALA A 155 -18.03 3.50 -15.60
N GLN A 156 -16.77 3.16 -15.88
CA GLN A 156 -16.36 1.76 -15.97
C GLN A 156 -15.77 1.23 -14.67
N ASP A 157 -15.10 2.09 -13.90
CA ASP A 157 -14.65 1.71 -12.55
C ASP A 157 -14.60 2.93 -11.68
N ALA A 158 -15.62 3.08 -10.85
CA ALA A 158 -15.83 4.35 -10.16
C ALA A 158 -14.81 4.61 -9.05
N LYS A 159 -14.00 3.61 -8.70
CA LYS A 159 -13.05 3.74 -7.59
C LYS A 159 -11.60 3.63 -8.05
N SER A 160 -11.37 3.80 -9.36
CA SER A 160 -10.03 3.60 -9.93
CA SER A 160 -10.03 3.62 -9.95
C SER A 160 -9.01 4.50 -9.23
N TYR A 161 -8.07 3.90 -8.52
CA TYR A 161 -7.18 4.71 -7.67
C TYR A 161 -6.31 5.64 -8.49
N HIS A 162 -5.81 5.13 -9.62
CA HIS A 162 -4.91 5.95 -10.47
C HIS A 162 -5.62 7.12 -11.17
N VAL A 163 -6.88 6.88 -11.58
CA VAL A 163 -7.65 7.96 -12.19
C VAL A 163 -8.01 9.03 -11.15
N TRP A 164 -8.41 8.63 -9.95
CA TRP A 164 -8.66 9.62 -8.89
C TRP A 164 -7.38 10.40 -8.55
N THR A 165 -6.24 9.72 -8.46
CA THR A 165 -4.99 10.42 -8.16
C THR A 165 -4.67 11.46 -9.24
N TYR A 166 -4.88 11.07 -10.49
CA TYR A 166 -4.70 12.02 -11.58
C TYR A 166 -5.67 13.20 -11.42
N ARG A 167 -6.91 12.92 -11.04
CA ARG A 167 -7.89 14.02 -10.93
C ARG A 167 -7.50 14.96 -9.80
N HIS A 168 -6.93 14.44 -8.72
CA HIS A 168 -6.44 15.32 -7.66
CA HIS A 168 -6.45 15.31 -7.66
C HIS A 168 -5.37 16.25 -8.22
N TRP A 169 -4.46 15.68 -9.01
CA TRP A 169 -3.35 16.46 -9.56
C TRP A 169 -3.92 17.54 -10.48
N LEU A 170 -4.92 17.16 -11.26
CA LEU A 170 -5.50 18.05 -12.25
C LEU A 170 -6.14 19.26 -11.55
N VAL A 171 -6.86 19.00 -10.46
CA VAL A 171 -7.48 20.07 -9.69
C VAL A 171 -6.44 21.05 -9.12
N ARG A 172 -5.35 20.52 -8.60
CA ARG A 172 -4.32 21.41 -8.07
C ARG A 172 -3.64 22.21 -9.17
N HIS A 173 -3.36 21.53 -10.27
CA HIS A 173 -2.62 22.12 -11.39
C HIS A 173 -3.39 23.27 -12.03
N PHE A 174 -4.65 23.04 -12.35
CA PHE A 174 -5.47 24.08 -13.00
C PHE A 174 -6.30 24.90 -12.03
N LYS A 175 -6.07 24.69 -10.73
CA LYS A 175 -6.76 25.42 -9.67
C LYS A 175 -8.29 25.27 -9.73
N LEU A 176 -8.75 24.03 -9.68
CA LEU A 176 -10.15 23.72 -9.97
C LEU A 176 -10.99 23.46 -8.72
N TRP A 177 -10.50 23.84 -7.54
CA TRP A 177 -11.24 23.50 -6.32
C TRP A 177 -12.68 24.00 -6.34
N ASP A 178 -12.89 25.20 -6.89
CA ASP A 178 -14.25 25.76 -6.97
C ASP A 178 -14.91 25.62 -8.34
N HIS A 179 -14.30 24.82 -9.20
CA HIS A 179 -14.88 24.59 -10.54
C HIS A 179 -16.13 23.72 -10.40
N PRO A 180 -17.27 24.16 -10.97
CA PRO A 180 -18.52 23.44 -10.65
C PRO A 180 -18.58 21.99 -11.13
N ARG A 181 -17.79 21.63 -12.16
CA ARG A 181 -17.80 20.23 -12.61
C ARG A 181 -17.12 19.30 -11.62
N GLU A 182 -16.17 19.80 -10.84
CA GLU A 182 -15.52 18.93 -9.85
C GLU A 182 -16.56 18.49 -8.83
N ILE A 183 -17.28 19.43 -8.26
CA ILE A 183 -18.31 19.07 -7.28
C ILE A 183 -19.49 18.34 -7.95
N GLN A 184 -19.86 18.76 -9.16
CA GLN A 184 -20.97 18.06 -9.86
C GLN A 184 -20.65 16.61 -10.16
N ASP A 185 -19.40 16.34 -10.58
CA ASP A 185 -19.01 14.97 -10.92
C ASP A 185 -18.94 14.10 -9.65
N VAL A 186 -18.42 14.67 -8.56
CA VAL A 186 -18.47 13.97 -7.26
C VAL A 186 -19.90 13.64 -6.89
N GLU A 187 -20.78 14.63 -7.04
CA GLU A 187 -22.18 14.42 -6.66
C GLU A 187 -22.87 13.41 -7.57
N ALA A 188 -22.55 13.40 -8.87
CA ALA A 188 -23.13 12.38 -9.75
C ALA A 188 -22.68 10.97 -9.33
N LEU A 189 -21.40 10.88 -8.97
CA LEU A 189 -20.88 9.56 -8.52
C LEU A 189 -21.50 9.14 -7.19
N LEU A 190 -21.73 10.10 -6.29
CA LEU A 190 -22.34 9.74 -5.00
C LEU A 190 -23.84 9.48 -5.14
N LYS A 191 -24.48 10.07 -6.14
CA LYS A 191 -25.88 9.68 -6.40
C LYS A 191 -25.93 8.23 -6.88
N ALA A 192 -25.01 7.88 -7.77
CA ALA A 192 -24.95 6.50 -8.29
C ALA A 192 -24.58 5.50 -7.21
N ASP A 193 -23.64 5.88 -6.34
CA ASP A 193 -23.24 4.98 -5.23
C ASP A 193 -22.72 5.83 -4.08
N VAL A 194 -23.58 6.03 -3.09
CA VAL A 194 -23.27 6.91 -1.97
C VAL A 194 -22.10 6.35 -1.13
N ARG A 195 -21.73 5.08 -1.37
CA ARG A 195 -20.65 4.43 -0.62
C ARG A 195 -19.33 4.54 -1.37
N ASN A 196 -19.28 5.38 -2.40
CA ASN A 196 -18.04 5.53 -3.13
C ASN A 196 -17.05 6.40 -2.35
N ASN A 197 -16.18 5.76 -1.56
CA ASN A 197 -15.28 6.52 -0.71
C ASN A 197 -14.30 7.39 -1.50
N SER A 198 -13.97 6.96 -2.71
CA SER A 198 -13.05 7.77 -3.53
C SER A 198 -13.65 9.14 -3.86
N ALA A 199 -14.95 9.16 -4.10
CA ALA A 199 -15.63 10.43 -4.38
C ALA A 199 -15.71 11.30 -3.10
N TRP A 200 -15.92 10.68 -1.96
CA TRP A 200 -15.90 11.43 -0.71
C TRP A 200 -14.53 12.03 -0.46
N ASN A 201 -13.48 11.27 -0.74
CA ASN A 201 -12.13 11.75 -0.51
C ASN A 201 -11.82 12.93 -1.42
N HIS A 202 -12.29 12.86 -2.67
CA HIS A 202 -12.08 14.00 -3.59
C HIS A 202 -12.89 15.21 -3.10
N ARG A 203 -14.09 14.97 -2.57
CA ARG A 203 -14.90 16.07 -2.05
C ARG A 203 -14.14 16.80 -0.95
N TYR A 204 -13.48 16.04 -0.07
CA TYR A 204 -12.73 16.70 1.01
C TYR A 204 -11.63 17.61 0.40
N MET A 205 -10.94 17.11 -0.62
CA MET A 205 -9.90 17.94 -1.22
C MET A 205 -10.51 19.24 -1.78
N LEU A 206 -11.64 19.11 -2.47
CA LEU A 206 -12.29 20.30 -3.08
C LEU A 206 -12.67 21.33 -2.05
N ARG A 207 -13.21 20.87 -0.92
CA ARG A 207 -13.80 21.77 0.07
C ARG A 207 -12.86 22.22 1.17
N PHE A 208 -11.94 21.33 1.54
CA PHE A 208 -11.09 21.57 2.71
C PHE A 208 -9.59 21.33 2.50
N GLY A 209 -9.22 20.90 1.29
CA GLY A 209 -7.81 20.64 1.00
C GLY A 209 -7.01 21.94 0.91
N PRO A 210 -5.75 21.91 1.33
CA PRO A 210 -4.90 23.12 1.28
C PRO A 210 -4.67 23.58 -0.16
N ARG A 211 -4.68 24.88 -0.39
CA ARG A 211 -4.59 25.41 -1.75
C ARG A 211 -3.37 26.31 -1.98
N ASP A 212 -2.65 26.64 -0.90
CA ASP A 212 -1.55 27.61 -0.97
C ASP A 212 -0.46 27.13 -1.93
N GLU A 213 -0.29 27.82 -3.06
CA GLU A 213 0.61 27.33 -4.09
C GLU A 213 2.08 27.47 -3.67
N ASN A 214 2.32 28.24 -2.63
CA ASN A 214 3.67 28.40 -2.09
C ASN A 214 4.05 27.35 -1.05
N GLU A 215 3.16 26.38 -0.83
CA GLU A 215 3.42 25.30 0.09
C GLU A 215 3.43 23.97 -0.68
N PHE A 216 4.16 22.99 -0.17
CA PHE A 216 4.11 21.63 -0.73
C PHE A 216 2.68 21.09 -0.56
N ASP A 217 2.23 20.23 -1.47
CA ASP A 217 0.86 19.66 -1.41
C ASP A 217 0.71 18.85 -0.12
N ALA A 218 -0.50 18.81 0.42
CA ALA A 218 -0.75 18.02 1.62
C ALA A 218 -2.21 17.59 1.58
N GLY A 219 -2.52 16.44 2.18
CA GLY A 219 -3.90 15.99 2.27
C GLY A 219 -4.65 16.82 3.30
N LEU A 220 -3.91 17.39 4.26
CA LEU A 220 -4.54 18.11 5.38
C LEU A 220 -3.81 19.42 5.64
N HIS A 221 -4.56 20.42 6.09
CA HIS A 221 -3.95 21.64 6.61
C HIS A 221 -3.16 21.37 7.87
N ASN A 222 -2.26 22.29 8.20
CA ASN A 222 -1.64 22.33 9.52
C ASN A 222 -0.71 21.16 9.80
N THR A 223 0.00 20.68 8.79
CA THR A 223 0.97 19.62 9.02
C THR A 223 2.26 20.11 9.71
N THR A 224 2.41 21.43 9.84
CA THR A 224 3.54 22.01 10.58
C THR A 224 3.22 22.06 12.08
N GLY A 225 1.95 21.86 12.44
CA GLY A 225 1.53 21.89 13.84
C GLY A 225 1.65 20.53 14.51
N PRO A 226 1.20 20.44 15.77
CA PRO A 226 1.19 19.17 16.52
C PRO A 226 0.28 18.20 15.79
N SER A 227 0.62 16.92 15.77
CA SER A 227 -0.12 15.98 14.94
C SER A 227 -1.59 15.87 15.36
N SER A 228 -1.89 16.11 16.63
CA SER A 228 -3.29 16.02 17.08
C SER A 228 -4.12 17.14 16.46
N GLU A 229 -3.46 18.17 15.95
CA GLU A 229 -4.17 19.29 15.34
CA GLU A 229 -4.17 19.29 15.34
C GLU A 229 -4.09 19.27 13.81
N LYS A 230 -3.66 18.14 13.26
CA LYS A 230 -3.56 18.04 11.81
C LYS A 230 -4.94 18.15 11.18
N GLY A 231 -5.06 19.00 10.16
CA GLY A 231 -6.31 19.22 9.47
C GLY A 231 -6.95 20.56 9.80
N ARG A 232 -6.57 21.16 10.92
CA ARG A 232 -7.16 22.43 11.35
C ARG A 232 -6.97 23.56 10.34
N LEU A 233 -8.07 24.18 9.93
CA LEU A 233 -8.01 25.32 9.00
C LEU A 233 -7.54 26.57 9.71
N PRO A 234 -6.65 27.34 9.05
CA PRO A 234 -6.23 28.63 9.61
C PRO A 234 -7.37 29.64 9.63
N VAL A 235 -8.29 29.50 8.69
CA VAL A 235 -9.46 30.39 8.60
C VAL A 235 -10.64 29.54 8.18
N VAL A 236 -11.72 29.61 8.96
CA VAL A 236 -12.91 28.78 8.73
C VAL A 236 -14.05 29.58 8.11
N ASP A 237 -14.58 29.10 7.00
CA ASP A 237 -15.83 29.61 6.43
C ASP A 237 -16.97 28.84 7.12
N GLU A 238 -17.62 29.47 8.09
CA GLU A 238 -18.59 28.77 8.93
C GLU A 238 -19.83 28.33 8.14
N ASP A 239 -20.24 29.11 7.14
CA ASP A 239 -21.41 28.74 6.34
C ASP A 239 -21.12 27.54 5.46
N LEU A 240 -19.91 27.47 4.93
CA LEU A 240 -19.51 26.32 4.13
C LEU A 240 -19.47 25.07 5.01
N VAL A 241 -18.95 25.23 6.22
CA VAL A 241 -18.90 24.09 7.12
C VAL A 241 -20.32 23.57 7.41
N ASP A 242 -21.24 24.50 7.71
CA ASP A 242 -22.62 24.11 8.00
C ASP A 242 -23.23 23.35 6.81
N SER A 243 -22.97 23.88 5.62
CA SER A 243 -23.53 23.30 4.40
C SER A 243 -23.01 21.88 4.16
N GLU A 244 -21.73 21.69 4.41
CA GLU A 244 -21.10 20.39 4.21
C GLU A 244 -21.58 19.37 5.23
N LEU A 245 -21.78 19.82 6.48
CA LEU A 245 -22.33 18.93 7.51
C LEU A 245 -23.79 18.55 7.19
N GLN A 246 -24.57 19.51 6.69
CA GLN A 246 -25.96 19.23 6.29
C GLN A 246 -25.97 18.20 5.17
N TYR A 247 -25.09 18.36 4.19
CA TYR A 247 -24.98 17.43 3.08
C TYR A 247 -24.65 16.03 3.60
N SER A 248 -23.69 15.96 4.50
CA SER A 248 -23.28 14.66 5.07
C SER A 248 -24.44 13.98 5.80
N GLN A 249 -25.20 14.74 6.59
CA GLN A 249 -26.35 14.16 7.27
C GLN A 249 -27.37 13.62 6.27
N SER A 250 -27.63 14.37 5.21
CA SER A 250 -28.59 13.96 4.18
C SER A 250 -28.18 12.65 3.53
N ARG A 251 -26.89 12.51 3.24
CA ARG A 251 -26.42 11.26 2.64
C ARG A 251 -26.47 10.10 3.64
N ILE A 252 -26.12 10.38 4.90
CA ILE A 252 -26.18 9.34 5.94
C ILE A 252 -27.60 8.75 6.04
N LEU A 253 -28.61 9.61 5.99
CA LEU A 253 -30.00 9.14 6.13
C LEU A 253 -30.41 8.19 5.00
N GLU A 254 -29.75 8.28 3.85
CA GLU A 254 -30.01 7.34 2.74
C GLU A 254 -29.48 5.94 3.01
N ALA A 255 -28.42 5.85 3.84
CA ALA A 255 -27.75 4.57 4.13
C ALA A 255 -26.87 4.74 5.38
N PRO A 256 -27.48 4.62 6.57
CA PRO A 256 -26.78 5.00 7.81
C PRO A 256 -25.57 4.16 8.17
N GLU A 257 -25.45 2.93 7.64
CA GLU A 257 -24.31 2.08 7.98
C GLU A 257 -23.11 2.36 7.04
N ASN A 258 -23.29 3.28 6.12
CA ASN A 258 -22.21 3.69 5.19
C ASN A 258 -21.14 4.52 5.94
N ARG A 259 -19.95 3.97 6.11
CA ARG A 259 -18.91 4.65 6.87
CA ARG A 259 -18.90 4.64 6.86
C ARG A 259 -18.46 5.98 6.25
N SER A 260 -18.45 6.06 4.92
CA SER A 260 -17.83 7.21 4.26
C SER A 260 -18.27 8.61 4.70
N PRO A 261 -19.60 8.87 4.75
CA PRO A 261 -20.02 10.23 5.13
C PRO A 261 -19.77 10.50 6.62
N TRP A 262 -19.77 9.48 7.47
CA TRP A 262 -19.44 9.69 8.88
C TRP A 262 -17.99 10.12 9.02
N SER A 263 -17.10 9.44 8.27
CA SER A 263 -15.68 9.80 8.32
C SER A 263 -15.45 11.19 7.75
N TYR A 264 -16.15 11.48 6.65
CA TYR A 264 -16.10 12.84 6.06
C TYR A 264 -16.52 13.89 7.10
N ALA A 265 -17.63 13.66 7.80
CA ALA A 265 -18.09 14.63 8.80
C ALA A 265 -17.09 14.83 9.94
N ARG A 266 -16.47 13.75 10.40
CA ARG A 266 -15.40 13.90 11.37
C ARG A 266 -14.27 14.77 10.82
N GLY A 267 -13.93 14.58 9.56
CA GLY A 267 -12.89 15.41 8.94
C GLY A 267 -13.30 16.87 8.88
N VAL A 268 -14.56 17.11 8.54
CA VAL A 268 -15.07 18.48 8.48
C VAL A 268 -15.02 19.15 9.86
N LEU A 269 -15.47 18.44 10.88
CA LEU A 269 -15.47 19.04 12.24
C LEU A 269 -14.05 19.31 12.72
N GLN A 270 -13.13 18.39 12.43
CA GLN A 270 -11.72 18.61 12.77
C GLN A 270 -11.14 19.85 12.07
N ALA A 271 -11.45 20.00 10.77
CA ALA A 271 -10.94 21.14 10.00
C ALA A 271 -11.48 22.43 10.58
N ALA A 272 -12.75 22.38 10.97
CA ALA A 272 -13.43 23.59 11.48
C ALA A 272 -13.12 23.90 12.94
N GLY A 273 -12.46 22.98 13.65
CA GLY A 273 -12.25 23.18 15.08
C GLY A 273 -13.54 23.09 15.88
N ARG A 274 -14.46 22.26 15.40
CA ARG A 274 -15.73 22.05 16.09
C ARG A 274 -15.80 20.68 16.74
N PRO A 275 -16.57 20.57 17.82
CA PRO A 275 -16.54 19.30 18.55
C PRO A 275 -17.50 18.29 17.97
N LEU A 276 -17.21 17.02 18.16
CA LEU A 276 -18.14 15.94 17.74
C LEU A 276 -19.54 16.10 18.36
N SER A 277 -19.64 16.78 19.50
CA SER A 277 -20.94 16.95 20.17
C SER A 277 -21.94 17.80 19.37
N GLU A 278 -21.45 18.51 18.36
CA GLU A 278 -22.37 19.17 17.43
C GLU A 278 -23.36 18.17 16.80
N TRP A 279 -22.97 16.90 16.77
CA TRP A 279 -23.83 15.86 16.19
C TRP A 279 -24.39 14.86 17.21
N LYS A 280 -24.35 15.20 18.49
CA LYS A 280 -24.85 14.28 19.52
C LYS A 280 -26.29 13.82 19.27
N ASP A 281 -27.20 14.77 19.04
CA ASP A 281 -28.60 14.42 18.83
C ASP A 281 -28.80 13.64 17.54
N PHE A 282 -28.09 14.03 16.48
CA PHE A 282 -28.15 13.29 15.22
C PHE A 282 -27.72 11.83 15.43
N ALA A 283 -26.58 11.64 16.08
CA ALA A 283 -26.11 10.28 16.35
C ALA A 283 -27.11 9.49 17.21
N ARG A 284 -27.64 10.14 18.25
CA ARG A 284 -28.63 9.48 19.11
C ARG A 284 -29.87 9.01 18.35
N SER A 285 -30.22 9.67 17.24
CA SER A 285 -31.42 9.31 16.47
C SER A 285 -31.32 7.93 15.80
N PHE A 286 -30.11 7.39 15.71
CA PHE A 286 -29.92 6.06 15.12
C PHE A 286 -29.86 4.97 16.18
N VAL A 287 -30.02 5.36 17.44
CA VAL A 287 -30.00 4.42 18.56
C VAL A 287 -31.40 4.22 19.15
N ALA A 300 -32.27 -0.83 19.50
CA ALA A 300 -32.55 -0.66 18.08
C ALA A 300 -31.49 0.20 17.43
N VAL A 301 -30.59 -0.43 16.68
CA VAL A 301 -29.46 0.32 16.14
C VAL A 301 -29.44 0.29 14.63
N LYS A 302 -29.41 1.47 14.02
CA LYS A 302 -29.41 1.58 12.59
C LYS A 302 -28.03 1.91 12.04
N SER A 303 -27.08 2.21 12.92
CA SER A 303 -25.73 2.60 12.48
C SER A 303 -24.69 2.38 13.55
N SER A 304 -23.72 1.51 13.27
CA SER A 304 -22.61 1.30 14.20
C SER A 304 -21.75 2.57 14.32
N HIS A 305 -21.72 3.36 13.23
CA HIS A 305 -20.99 4.62 13.26
C HIS A 305 -21.57 5.61 14.25
N ALA A 306 -22.88 5.59 14.42
CA ALA A 306 -23.54 6.44 15.40
C ALA A 306 -23.11 6.05 16.81
N ILE A 307 -22.98 4.75 17.06
CA ILE A 307 -22.55 4.27 18.37
C ILE A 307 -21.12 4.73 18.66
N GLU A 308 -20.24 4.59 17.68
CA GLU A 308 -18.86 5.03 17.89
C GLU A 308 -18.78 6.54 18.09
N TRP A 309 -19.61 7.26 17.36
CA TRP A 309 -19.68 8.70 17.49
C TRP A 309 -20.05 9.10 18.93
N LEU A 310 -21.08 8.45 19.49
CA LEU A 310 -21.48 8.71 20.87
C LEU A 310 -20.39 8.35 21.88
N ALA A 311 -19.71 7.23 21.65
CA ALA A 311 -18.60 6.84 22.51
C ALA A 311 -17.59 7.96 22.63
N ASP A 312 -17.18 8.53 21.49
CA ASP A 312 -16.23 9.63 21.51
C ASP A 312 -16.78 10.90 22.13
N VAL A 313 -18.04 11.23 21.85
CA VAL A 313 -18.64 12.42 22.47
C VAL A 313 -18.61 12.27 24.00
N TYR A 314 -19.07 11.14 24.50
CA TYR A 314 -19.14 10.93 25.96
C TYR A 314 -17.76 10.86 26.61
N ALA A 315 -16.81 10.26 25.91
CA ALA A 315 -15.46 10.08 26.45
C ALA A 315 -14.59 11.34 26.40
N GLU A 316 -14.71 12.11 25.33
CA GLU A 316 -13.68 13.11 25.01
C GLU A 316 -14.11 14.57 25.18
N GLU A 317 -15.41 14.82 25.19
CA GLU A 317 -15.90 16.20 25.15
C GLU A 317 -16.90 16.47 26.25
N ASP A 318 -17.43 15.40 26.83
CA ASP A 318 -18.33 15.52 27.96
C ASP A 318 -17.49 15.31 29.21
N GLY A 319 -17.48 16.30 30.10
CA GLY A 319 -16.75 16.19 31.34
C GLY A 319 -17.63 15.87 32.54
N SER A 320 -18.92 15.67 32.29
CA SER A 320 -19.88 15.44 33.37
C SER A 320 -19.79 14.06 34.00
N GLU A 321 -20.29 13.94 35.22
CA GLU A 321 -20.34 12.64 35.90
C GLU A 321 -21.22 11.67 35.11
N GLY A 322 -20.73 10.45 34.92
CA GLY A 322 -21.50 9.41 34.28
C GLY A 322 -21.22 9.27 32.80
N SER A 323 -20.55 10.27 32.23
CA SER A 323 -20.29 10.25 30.79
CA SER A 323 -20.31 10.24 30.79
C SER A 323 -19.31 9.15 30.40
N ALA A 324 -18.31 8.90 31.24
CA ALA A 324 -17.35 7.84 30.97
C ALA A 324 -18.01 6.48 30.95
N ALA A 325 -18.90 6.24 31.92
CA ALA A 325 -19.65 4.98 31.91
C ALA A 325 -20.50 4.81 30.65
N GLU A 326 -21.10 5.90 30.17
CA GLU A 326 -21.92 5.80 28.95
C GLU A 326 -21.04 5.49 27.73
N ALA A 327 -19.83 6.05 27.71
CA ALA A 327 -18.91 5.77 26.59
C ALA A 327 -18.55 4.30 26.61
N VAL A 328 -18.28 3.78 27.81
CA VAL A 328 -17.99 2.37 27.95
C VAL A 328 -19.17 1.49 27.50
N LYS A 329 -20.40 1.91 27.83
CA LYS A 329 -21.58 1.18 27.37
C LYS A 329 -21.62 1.15 25.83
N MET A 330 -21.35 2.29 25.21
CA MET A 330 -21.38 2.32 23.74
C MET A 330 -20.35 1.36 23.14
N LEU A 331 -19.16 1.36 23.73
CA LEU A 331 -18.07 0.52 23.22
C LEU A 331 -18.34 -0.97 23.47
N THR A 332 -19.09 -1.25 24.53
CA THR A 332 -19.48 -2.62 24.81
C THR A 332 -20.50 -3.10 23.77
N LEU A 333 -21.44 -2.23 23.38
CA LEU A 333 -22.36 -2.58 22.30
C LEU A 333 -21.59 -2.92 21.02
N LEU A 334 -20.55 -2.13 20.75
CA LEU A 334 -19.73 -2.36 19.54
C LEU A 334 -18.99 -3.71 19.64
N LYS A 335 -18.34 -3.97 20.77
CA LYS A 335 -17.55 -5.18 20.88
C LYS A 335 -18.40 -6.45 20.94
N GLU A 336 -19.61 -6.37 21.48
CA GLU A 336 -20.41 -7.57 21.68
C GLU A 336 -21.36 -7.86 20.52
N LYS A 337 -21.78 -6.82 19.82
CA LYS A 337 -22.87 -6.94 18.86
C LYS A 337 -22.63 -6.28 17.51
N TYR A 338 -22.29 -5.00 17.51
CA TYR A 338 -22.40 -4.19 16.29
C TYR A 338 -21.12 -4.10 15.43
N ASP A 339 -19.96 -4.33 16.02
CA ASP A 339 -18.71 -4.46 15.24
C ASP A 339 -17.70 -5.32 16.01
N PRO A 340 -18.04 -6.60 16.26
CA PRO A 340 -17.24 -7.39 17.19
C PRO A 340 -15.85 -7.76 16.71
N ILE A 341 -15.60 -7.78 15.40
CA ILE A 341 -14.25 -8.16 14.95
C ILE A 341 -13.19 -7.16 15.43
N ARG A 342 -13.63 -5.93 15.76
CA ARG A 342 -12.74 -4.87 16.23
C ARG A 342 -12.72 -4.79 17.78
N ARG A 343 -13.13 -5.88 18.40
CA ARG A 343 -13.19 -5.99 19.87
CA ARG A 343 -13.21 -5.96 19.87
C ARG A 343 -11.94 -5.47 20.59
N ASN A 344 -10.77 -5.83 20.08
CA ASN A 344 -9.53 -5.44 20.78
C ASN A 344 -9.28 -3.94 20.73
N TYR A 345 -9.69 -3.31 19.63
CA TYR A 345 -9.63 -1.85 19.55
C TYR A 345 -10.67 -1.19 20.50
N TRP A 346 -11.90 -1.69 20.49
CA TRP A 346 -12.90 -1.17 21.42
C TRP A 346 -12.44 -1.31 22.88
N GLU A 347 -11.83 -2.46 23.21
CA GLU A 347 -11.34 -2.71 24.57
CA GLU A 347 -11.36 -2.68 24.57
C GLU A 347 -10.19 -1.77 24.92
N TYR A 348 -9.35 -1.47 23.93
CA TYR A 348 -8.29 -0.48 24.13
C TYR A 348 -8.90 0.89 24.47
N ARG A 349 -9.96 1.25 23.75
CA ARG A 349 -10.65 2.52 24.04
C ARG A 349 -11.24 2.49 25.44
N ILE A 350 -11.88 1.38 25.80
CA ILE A 350 -12.45 1.25 27.15
C ILE A 350 -11.35 1.43 28.21
N ARG A 351 -10.18 0.83 27.98
CA ARG A 351 -9.07 0.97 28.93
CA ARG A 351 -9.11 0.98 28.96
C ARG A 351 -8.61 2.42 29.03
N GLN A 352 -8.52 3.11 27.89
CA GLN A 352 -8.07 4.51 27.89
C GLN A 352 -9.04 5.37 28.70
N ILE A 353 -10.33 5.18 28.44
CA ILE A 353 -11.39 5.96 29.10
C ILE A 353 -11.43 5.68 30.59
N THR A 354 -11.29 4.41 30.94
CA THR A 354 -11.27 3.99 32.34
C THR A 354 -10.08 4.61 33.06
N ALA A 355 -8.91 4.62 32.41
CA ALA A 355 -7.72 5.24 33.02
C ALA A 355 -7.92 6.75 33.18
N SER A 356 -8.48 7.39 32.16
CA SER A 356 -8.72 8.83 32.19
C SER A 356 -9.70 9.19 33.31
N ALA A 357 -10.78 8.41 33.42
CA ALA A 357 -11.76 8.65 34.49
C ALA A 357 -11.12 8.48 35.87
N ALA A 358 -10.30 7.45 36.02
CA ALA A 358 -9.64 7.22 37.29
C ALA A 358 -8.70 8.37 37.63
N HIS A 359 -7.97 8.87 36.63
CA HIS A 359 -7.13 10.05 36.84
C HIS A 359 -8.00 11.25 37.27
N ALA A 360 -9.11 11.46 36.58
CA ALA A 360 -10.02 12.56 36.94
C ALA A 360 -10.55 12.41 38.37
N THR A 361 -10.95 11.20 38.73
CA THR A 361 -11.46 10.90 40.07
C THR A 361 -10.41 11.20 41.16
N GLU A 362 -9.15 10.98 40.84
CA GLU A 362 -8.10 11.17 41.85
C GLU A 362 -7.57 12.61 41.97
N ILE A 363 -7.80 13.44 40.95
CA ILE A 363 -7.41 14.85 41.04
C ILE A 363 -8.54 15.75 41.56
N VAL B 68 -21.72 -28.21 10.69
CA VAL B 68 -20.70 -27.19 10.86
C VAL B 68 -19.94 -27.36 12.20
N HIS B 69 -18.62 -27.34 12.11
CA HIS B 69 -17.71 -27.53 13.23
C HIS B 69 -18.02 -26.61 14.43
N PRO B 70 -18.08 -27.19 15.64
CA PRO B 70 -18.44 -26.42 16.83
C PRO B 70 -17.40 -25.37 17.26
N GLY B 71 -16.20 -25.44 16.70
CA GLY B 71 -15.16 -24.49 17.06
C GLY B 71 -15.25 -23.17 16.32
N ILE B 72 -16.26 -23.01 15.47
CA ILE B 72 -16.42 -21.77 14.68
C ILE B 72 -17.49 -20.85 15.26
N PRO B 73 -17.10 -19.67 15.79
CA PRO B 73 -18.03 -18.70 16.38
C PRO B 73 -19.00 -18.15 15.37
N ALA B 74 -20.20 -17.81 15.82
CA ALA B 74 -21.23 -17.22 14.97
C ALA B 74 -20.72 -16.01 14.18
N LEU B 75 -19.79 -15.27 14.76
CA LEU B 75 -19.25 -14.07 14.11
C LEU B 75 -18.70 -14.36 12.71
N PHE B 76 -18.22 -15.59 12.52
CA PHE B 76 -17.63 -15.97 11.23
C PHE B 76 -18.57 -16.80 10.36
N ARG B 77 -19.84 -16.90 10.75
CA ARG B 77 -20.78 -17.78 10.05
C ARG B 77 -22.04 -17.07 9.60
N GLU B 78 -22.13 -15.76 9.80
CA GLU B 78 -23.32 -14.99 9.46
C GLU B 78 -22.89 -13.62 8.95
N PRO B 79 -23.71 -12.99 8.10
CA PRO B 79 -23.43 -11.61 7.69
C PRO B 79 -23.62 -10.65 8.88
N PRO B 80 -23.15 -9.39 8.76
CA PRO B 80 -23.33 -8.43 9.87
C PRO B 80 -24.81 -8.20 10.23
N LEU B 81 -25.07 -7.77 11.46
CA LEU B 81 -26.43 -7.55 11.94
C LEU B 81 -27.11 -6.38 11.24
N ILE B 82 -26.36 -5.30 11.03
CA ILE B 82 -26.95 -4.07 10.48
C ILE B 82 -26.91 -4.12 8.97
N HIS B 83 -28.06 -3.98 8.32
N HIS B 83 -28.08 -3.90 8.38
CA HIS B 83 -28.09 -3.99 6.86
CA HIS B 83 -28.30 -4.00 6.95
C HIS B 83 -29.00 -2.90 6.30
C HIS B 83 -29.03 -2.72 6.50
N ASP B 84 -28.41 -1.93 5.62
CA ASP B 84 -29.10 -0.80 4.99
C ASP B 84 -30.03 -1.35 3.90
N LEU B 85 -31.17 -0.70 3.69
CA LEU B 85 -32.09 -1.10 2.62
C LEU B 85 -31.57 -0.78 1.21
N LEU B 86 -30.81 0.32 1.11
CA LEU B 86 -30.36 0.81 -0.20
C LEU B 86 -29.28 -0.09 -0.80
N SER B 87 -29.54 -0.60 -2.00
CA SER B 87 -28.55 -1.37 -2.77
C SER B 87 -27.75 -0.48 -3.74
N THR B 88 -26.43 -0.57 -3.68
CA THR B 88 -25.57 0.05 -4.70
C THR B 88 -24.49 -0.95 -5.14
N GLU B 89 -23.66 -0.57 -6.09
CA GLU B 89 -22.63 -1.47 -6.57
CA GLU B 89 -22.60 -1.43 -6.58
C GLU B 89 -21.75 -1.94 -5.42
N THR B 90 -21.41 -1.02 -4.51
CA THR B 90 -20.60 -1.37 -3.37
C THR B 90 -21.23 -2.53 -2.58
N THR B 91 -22.53 -2.44 -2.28
CA THR B 91 -23.12 -3.49 -1.44
C THR B 91 -23.33 -4.78 -2.23
N GLU B 92 -23.52 -4.65 -3.54
CA GLU B 92 -23.63 -5.85 -4.39
C GLU B 92 -22.34 -6.65 -4.32
N LEU B 93 -21.21 -5.97 -4.47
CA LEU B 93 -19.93 -6.65 -4.45
C LEU B 93 -19.61 -7.18 -3.04
N GLN B 94 -19.98 -6.40 -2.03
CA GLN B 94 -19.69 -6.80 -0.65
C GLN B 94 -20.49 -8.06 -0.32
N SER B 95 -21.77 -8.06 -0.70
N SER B 95 -21.77 -8.07 -0.71
CA SER B 95 -22.65 -9.21 -0.47
CA SER B 95 -22.64 -9.22 -0.45
C SER B 95 -22.13 -10.46 -1.16
C SER B 95 -22.15 -10.47 -1.17
N GLU B 96 -21.76 -10.31 -2.43
CA GLU B 96 -21.20 -11.43 -3.20
C GLU B 96 -19.98 -12.00 -2.53
N THR B 97 -19.12 -11.12 -2.02
CA THR B 97 -17.89 -11.57 -1.37
C THR B 97 -18.21 -12.34 -0.09
N VAL B 98 -19.11 -11.80 0.71
CA VAL B 98 -19.53 -12.51 1.94
C VAL B 98 -20.09 -13.89 1.59
N ASN B 99 -20.92 -13.94 0.57
CA ASN B 99 -21.57 -15.20 0.18
C ASN B 99 -20.59 -16.26 -0.32
N LYS B 100 -19.58 -15.82 -1.06
CA LYS B 100 -18.49 -16.71 -1.45
C LYS B 100 -17.65 -17.18 -0.27
N CYS B 101 -17.42 -16.32 0.72
CA CYS B 101 -16.60 -16.71 1.87
C CYS B 101 -17.30 -17.64 2.85
N LEU B 102 -18.60 -17.47 3.02
CA LEU B 102 -19.28 -18.18 4.11
C LEU B 102 -19.11 -19.71 4.11
N PRO B 103 -19.27 -20.40 2.97
CA PRO B 103 -19.06 -21.86 3.03
C PRO B 103 -17.63 -22.26 3.36
N LEU B 104 -16.68 -21.46 2.91
CA LEU B 104 -15.28 -21.71 3.23
C LEU B 104 -14.98 -21.44 4.71
N LEU B 105 -15.49 -20.32 5.24
CA LEU B 105 -15.32 -20.03 6.67
C LEU B 105 -15.89 -21.17 7.53
N LYS B 106 -17.03 -21.71 7.10
CA LYS B 106 -17.71 -22.76 7.82
C LYS B 106 -17.02 -24.12 7.64
N GLY B 107 -16.06 -24.18 6.72
CA GLY B 107 -15.30 -25.39 6.45
C GLY B 107 -16.07 -26.49 5.72
N ILE B 108 -17.11 -26.11 4.97
CA ILE B 108 -18.00 -27.07 4.34
C ILE B 108 -17.92 -27.09 2.81
N HIS B 109 -16.98 -26.33 2.25
CA HIS B 109 -16.81 -26.31 0.81
C HIS B 109 -16.02 -27.50 0.31
N ASN B 110 -16.47 -28.11 -0.76
CA ASN B 110 -15.84 -29.33 -1.25
C ASN B 110 -14.42 -29.13 -1.77
N SER B 111 -14.01 -27.88 -1.96
CA SER B 111 -12.66 -27.58 -2.44
C SER B 111 -11.62 -27.65 -1.31
N GLN B 112 -12.08 -27.69 -0.07
CA GLN B 112 -11.17 -27.56 1.07
C GLN B 112 -10.56 -28.89 1.50
N LYS B 113 -9.28 -28.86 1.83
CA LYS B 113 -8.54 -30.03 2.32
C LYS B 113 -8.29 -29.89 3.81
N GLY B 114 -8.40 -30.97 4.57
CA GLY B 114 -8.07 -30.92 5.98
C GLY B 114 -6.60 -31.23 6.24
N PRO B 115 -6.25 -31.60 7.49
CA PRO B 115 -7.16 -31.72 8.65
C PRO B 115 -7.68 -30.37 9.15
N PHE B 116 -8.90 -30.38 9.67
CA PHE B 116 -9.47 -29.20 10.30
C PHE B 116 -9.16 -29.24 11.79
N ASN B 117 -8.67 -28.14 12.33
CA ASN B 117 -8.25 -28.12 13.72
C ASN B 117 -9.44 -27.89 14.66
N LYS B 118 -9.14 -27.68 15.95
CA LYS B 118 -10.20 -27.59 16.97
C LYS B 118 -11.03 -26.31 16.81
N TYR B 119 -10.51 -25.37 16.02
CA TYR B 119 -11.25 -24.13 15.76
C TYR B 119 -12.00 -24.21 14.43
N GLY B 120 -11.95 -25.38 13.80
CA GLY B 120 -12.70 -25.62 12.58
C GLY B 120 -12.01 -25.13 11.32
N ILE B 121 -10.70 -24.91 11.42
CA ILE B 121 -9.89 -24.31 10.35
C ILE B 121 -8.97 -25.33 9.68
N PRO B 122 -8.96 -25.38 8.35
CA PRO B 122 -8.05 -26.31 7.67
C PRO B 122 -6.55 -25.99 7.88
N ALA B 123 -5.73 -27.03 7.81
CA ALA B 123 -4.27 -26.88 7.87
C ALA B 123 -3.77 -25.98 6.75
N LEU B 124 -2.67 -25.29 7.00
CA LEU B 124 -1.92 -24.68 5.90
C LEU B 124 -1.39 -25.82 5.04
N GLN B 125 -1.70 -25.78 3.75
CA GLN B 125 -1.29 -26.86 2.85
C GLN B 125 0.14 -26.66 2.38
N ARG B 126 1.10 -26.88 3.28
CA ARG B 126 2.51 -26.51 3.06
C ARG B 126 3.10 -27.13 1.78
N LYS B 127 2.89 -28.42 1.56
CA LYS B 127 3.51 -29.06 0.38
C LYS B 127 2.94 -28.48 -0.93
N ASP B 128 1.63 -28.26 -0.97
CA ASP B 128 0.99 -27.68 -2.17
C ASP B 128 1.56 -26.28 -2.44
N HIS B 129 1.73 -25.48 -1.40
CA HIS B 129 2.27 -24.11 -1.60
C HIS B 129 3.75 -24.11 -1.97
N LEU B 130 4.53 -25.01 -1.37
CA LEU B 130 5.93 -25.16 -1.76
C LEU B 130 6.06 -25.45 -3.24
N GLU B 131 5.29 -26.43 -3.72
CA GLU B 131 5.40 -26.81 -5.12
CA GLU B 131 5.34 -26.83 -5.13
C GLU B 131 4.94 -25.67 -6.04
N TYR B 132 3.90 -24.95 -5.62
CA TYR B 132 3.44 -23.78 -6.36
C TYR B 132 4.56 -22.73 -6.48
N LEU B 133 5.24 -22.44 -5.37
CA LEU B 133 6.25 -21.40 -5.36
C LEU B 133 7.53 -21.78 -6.12
N TYR B 134 7.95 -23.04 -5.99
CA TYR B 134 9.07 -23.50 -6.80
C TYR B 134 8.74 -23.41 -8.30
N ASP B 135 7.52 -23.83 -8.67
CA ASP B 135 7.08 -23.74 -10.07
CA ASP B 135 7.12 -23.75 -10.07
C ASP B 135 7.11 -22.30 -10.57
N SER B 136 6.80 -21.37 -9.67
CA SER B 136 6.68 -19.96 -10.05
C SER B 136 8.03 -19.33 -10.44
N LEU B 137 9.13 -20.02 -10.13
CA LEU B 137 10.46 -19.50 -10.44
C LEU B 137 10.99 -20.02 -11.76
N GLU B 138 10.19 -20.83 -12.46
CA GLU B 138 10.67 -21.36 -13.73
C GLU B 138 10.10 -20.56 -14.91
N ASP B 139 10.15 -21.10 -16.12
CA ASP B 139 9.86 -20.27 -17.31
C ASP B 139 8.36 -20.07 -17.56
N TYR B 140 7.98 -18.88 -18.05
CA TYR B 140 6.60 -18.55 -18.40
C TYR B 140 6.46 -18.41 -19.91
N PRO B 141 5.29 -18.77 -20.46
CA PRO B 141 5.12 -18.63 -21.91
C PRO B 141 4.91 -17.18 -22.35
N ALA B 142 4.91 -16.95 -23.66
CA ALA B 142 4.85 -15.62 -24.29
C ALA B 142 3.71 -14.74 -23.78
N SER B 143 2.57 -15.36 -23.49
CA SER B 143 1.39 -14.66 -23.01
C SER B 143 1.64 -13.84 -21.72
N PHE B 144 2.72 -14.15 -21.00
CA PHE B 144 3.00 -13.47 -19.74
C PHE B 144 3.90 -12.25 -19.89
N VAL B 145 3.99 -11.73 -21.12
CA VAL B 145 4.88 -10.62 -21.43
C VAL B 145 4.68 -9.40 -20.53
N ALA B 146 3.45 -9.15 -20.07
CA ALA B 146 3.21 -7.97 -19.21
C ALA B 146 3.99 -8.03 -17.89
N LEU B 147 4.50 -9.21 -17.54
CA LEU B 147 5.27 -9.37 -16.30
C LEU B 147 6.75 -9.04 -16.50
N ASP B 148 7.12 -8.66 -17.72
CA ASP B 148 8.53 -8.36 -18.03
C ASP B 148 9.16 -7.40 -17.00
N ALA B 149 8.46 -6.30 -16.72
CA ALA B 149 9.01 -5.31 -15.80
C ALA B 149 8.94 -5.78 -14.34
N SER B 150 8.19 -6.85 -14.08
CA SER B 150 8.00 -7.35 -12.71
C SER B 150 8.85 -8.57 -12.37
N ARG B 151 9.77 -8.93 -13.27
CA ARG B 151 10.55 -10.13 -13.00
C ARG B 151 11.31 -10.13 -11.65
N PRO B 152 11.87 -8.98 -11.23
CA PRO B 152 12.52 -8.99 -9.93
C PRO B 152 11.53 -9.28 -8.81
N TRP B 153 10.31 -8.76 -8.92
CA TRP B 153 9.28 -9.06 -7.92
C TRP B 153 8.96 -10.54 -7.89
N MET B 154 8.89 -11.16 -9.06
N MET B 154 8.88 -11.15 -9.07
CA MET B 154 8.55 -12.58 -9.11
CA MET B 154 8.56 -12.58 -9.15
C MET B 154 9.59 -13.39 -8.36
C MET B 154 9.59 -13.41 -8.41
N VAL B 155 10.85 -13.00 -8.49
CA VAL B 155 11.91 -13.69 -7.74
C VAL B 155 11.72 -13.48 -6.24
N TYR B 156 11.51 -12.23 -5.84
CA TYR B 156 11.30 -11.93 -4.43
C TYR B 156 10.08 -12.66 -3.80
N TRP B 157 8.92 -12.56 -4.45
CA TRP B 157 7.69 -13.16 -3.92
C TRP B 157 7.87 -14.66 -3.70
N ALA B 158 8.49 -15.32 -4.66
CA ALA B 158 8.75 -16.75 -4.50
C ALA B 158 9.74 -17.06 -3.38
N LEU B 159 10.88 -16.37 -3.36
CA LEU B 159 11.88 -16.67 -2.31
C LEU B 159 11.31 -16.36 -0.92
N ALA B 160 10.55 -15.26 -0.81
CA ALA B 160 9.93 -14.90 0.46
C ALA B 160 8.97 -16.00 0.91
N GLY B 161 8.12 -16.46 0.01
CA GLY B 161 7.17 -17.54 0.39
C GLY B 161 7.89 -18.83 0.79
N LEU B 162 8.92 -19.19 0.04
CA LEU B 162 9.72 -20.39 0.35
C LEU B 162 10.39 -20.26 1.71
N CYS B 163 10.97 -19.09 2.00
N CYS B 163 10.91 -19.08 1.97
CA CYS B 163 11.56 -18.83 3.32
CA CYS B 163 11.53 -18.78 3.24
C CYS B 163 10.52 -18.94 4.43
C CYS B 163 10.54 -18.91 4.39
N LEU B 164 9.36 -18.30 4.23
CA LEU B 164 8.30 -18.37 5.23
C LEU B 164 7.96 -19.82 5.58
N LEU B 165 7.88 -20.64 4.55
CA LEU B 165 7.52 -22.05 4.71
C LEU B 165 8.66 -22.90 5.22
N GLY B 166 9.83 -22.31 5.46
CA GLY B 166 10.89 -23.02 6.16
C GLY B 166 11.93 -23.64 5.25
N GLU B 167 11.93 -23.26 3.98
CA GLU B 167 12.97 -23.74 3.06
C GLU B 167 14.27 -22.99 3.21
N ASP B 168 15.37 -23.68 2.91
CA ASP B 168 16.69 -23.07 2.84
C ASP B 168 16.85 -22.59 1.42
N VAL B 169 16.91 -21.27 1.21
CA VAL B 169 16.98 -20.77 -0.16
C VAL B 169 18.42 -20.45 -0.61
N THR B 170 19.41 -20.89 0.19
CA THR B 170 20.83 -20.73 -0.15
C THR B 170 21.16 -21.31 -1.52
N ARG B 171 20.49 -22.40 -1.89
CA ARG B 171 20.83 -23.04 -3.16
C ARG B 171 20.48 -22.19 -4.37
N PHE B 172 19.69 -21.13 -4.16
CA PHE B 172 19.37 -20.20 -5.26
C PHE B 172 20.39 -19.08 -5.45
N ARG B 173 21.44 -19.02 -4.63
CA ARG B 173 22.44 -17.93 -4.74
C ARG B 173 22.92 -17.67 -6.18
N GLU B 174 23.39 -18.72 -6.84
CA GLU B 174 23.94 -18.53 -8.17
C GLU B 174 22.90 -18.05 -9.18
N ARG B 175 21.71 -18.60 -9.08
CA ARG B 175 20.64 -18.23 -10.02
C ARG B 175 20.14 -16.80 -9.75
N VAL B 176 20.14 -16.42 -8.47
CA VAL B 176 19.86 -15.03 -8.13
C VAL B 176 20.90 -14.06 -8.71
N ILE B 177 22.18 -14.41 -8.56
CA ILE B 177 23.26 -13.61 -9.13
C ILE B 177 23.11 -13.47 -10.66
N SER B 178 22.83 -14.58 -11.33
CA SER B 178 22.67 -14.58 -12.78
C SER B 178 21.50 -13.69 -13.19
N THR B 179 20.39 -13.79 -12.47
CA THR B 179 19.22 -12.98 -12.76
C THR B 179 19.47 -11.47 -12.62
N PHE B 180 20.12 -11.06 -11.56
CA PHE B 180 20.18 -9.62 -11.27
C PHE B 180 21.37 -8.94 -11.91
N THR B 181 22.37 -9.73 -12.30
CA THR B 181 23.57 -9.15 -12.90
C THR B 181 23.22 -8.39 -14.18
N ALA B 182 22.36 -8.99 -15.00
CA ALA B 182 21.97 -8.37 -16.26
C ALA B 182 20.98 -7.24 -16.07
N ALA B 183 20.32 -7.20 -14.91
CA ALA B 183 19.28 -6.21 -14.65
C ALA B 183 19.86 -4.95 -14.01
N GLN B 184 21.11 -5.02 -13.56
CA GLN B 184 21.74 -3.84 -12.97
C GLN B 184 22.32 -2.94 -14.03
N ASN B 185 22.04 -1.64 -13.93
CA ASN B 185 22.54 -0.69 -14.91
C ASN B 185 23.87 -0.09 -14.49
N SER B 186 24.77 0.15 -15.45
CA SER B 186 26.09 0.68 -15.11
C SER B 186 26.02 2.03 -14.38
N THR B 187 25.01 2.82 -14.70
CA THR B 187 24.81 4.12 -14.06
C THR B 187 24.16 4.01 -12.68
N GLY B 188 23.84 2.80 -12.26
CA GLY B 188 23.35 2.60 -10.89
C GLY B 188 21.93 2.10 -10.81
N GLY B 189 21.68 1.23 -9.84
CA GLY B 189 20.34 0.70 -9.57
C GLY B 189 20.01 -0.52 -10.42
N ILE B 190 18.89 -1.14 -10.09
CA ILE B 190 18.40 -2.34 -10.79
C ILE B 190 17.02 -2.06 -11.37
N GLY B 191 16.81 -2.49 -12.61
CA GLY B 191 15.49 -2.35 -13.25
C GLY B 191 14.84 -3.70 -13.47
N GLY B 192 13.78 -3.75 -14.28
CA GLY B 192 13.06 -5.01 -14.49
C GLY B 192 13.86 -6.09 -15.23
N GLY B 193 14.94 -5.69 -15.90
CA GLY B 193 15.75 -6.62 -16.70
C GLY B 193 16.59 -5.84 -17.71
N HIS B 194 17.41 -6.56 -18.47
CA HIS B 194 18.34 -5.95 -19.43
C HIS B 194 17.69 -4.87 -20.28
N GLY B 195 18.20 -3.65 -20.16
CA GLY B 195 17.74 -2.53 -20.97
C GLY B 195 16.57 -1.76 -20.36
N GLN B 196 16.11 -2.19 -19.19
CA GLN B 196 15.06 -1.43 -18.51
C GLN B 196 15.72 -0.46 -17.50
N MET B 197 15.20 0.75 -17.38
CA MET B 197 15.82 1.74 -16.49
C MET B 197 15.67 1.32 -15.05
N SER B 198 16.58 1.80 -14.20
CA SER B 198 16.56 1.39 -12.80
C SER B 198 15.26 1.88 -12.17
N HIS B 199 14.70 1.09 -11.26
CA HIS B 199 13.44 1.41 -10.63
C HIS B 199 13.56 1.02 -9.15
N VAL B 200 13.06 1.85 -8.24
CA VAL B 200 13.25 1.54 -6.83
C VAL B 200 12.57 0.23 -6.40
N ALA B 201 11.45 -0.13 -7.04
CA ALA B 201 10.77 -1.38 -6.65
C ALA B 201 11.54 -2.63 -7.10
N SER B 202 12.09 -2.58 -8.32
CA SER B 202 12.98 -3.65 -8.80
C SER B 202 14.19 -3.74 -7.92
N SER B 203 14.74 -2.60 -7.54
CA SER B 203 15.93 -2.58 -6.71
C SER B 203 15.65 -3.15 -5.30
N TYR B 204 14.50 -2.79 -4.74
CA TYR B 204 14.07 -3.32 -3.45
C TYR B 204 13.90 -4.84 -3.55
N ALA B 205 13.19 -5.30 -4.59
CA ALA B 205 12.98 -6.73 -4.74
C ALA B 205 14.32 -7.47 -4.90
N ALA B 206 15.23 -6.88 -5.66
CA ALA B 206 16.53 -7.51 -5.88
C ALA B 206 17.35 -7.55 -4.59
N VAL B 207 17.35 -6.44 -3.85
CA VAL B 207 18.12 -6.39 -2.59
C VAL B 207 17.59 -7.38 -1.57
N LEU B 208 16.27 -7.47 -1.44
CA LEU B 208 15.69 -8.42 -0.51
C LEU B 208 15.97 -9.86 -0.93
N SER B 209 15.93 -10.13 -2.24
CA SER B 209 16.23 -11.48 -2.74
C SER B 209 17.67 -11.83 -2.43
N ILE B 210 18.56 -10.87 -2.63
CA ILE B 210 19.99 -11.07 -2.36
C ILE B 210 20.20 -11.32 -0.87
N ALA B 211 19.49 -10.57 -0.02
CA ALA B 211 19.56 -10.76 1.42
C ALA B 211 19.13 -12.18 1.80
N MET B 212 18.05 -12.66 1.18
CA MET B 212 17.55 -13.97 1.55
C MET B 212 18.52 -15.09 1.19
N VAL B 213 19.09 -15.03 -0.02
CA VAL B 213 20.03 -16.09 -0.42
C VAL B 213 21.36 -15.95 0.29
N GLY B 214 21.75 -14.70 0.57
CA GLY B 214 22.99 -14.43 1.29
C GLY B 214 24.25 -14.72 0.51
N GLY B 215 25.37 -14.65 1.22
CA GLY B 215 26.66 -14.94 0.64
C GLY B 215 27.38 -13.73 0.12
N GLU B 216 28.71 -13.75 0.26
CA GLU B 216 29.55 -12.64 -0.18
C GLU B 216 29.41 -12.39 -1.68
N GLU B 217 29.29 -13.43 -2.49
CA GLU B 217 29.21 -13.25 -3.94
C GLU B 217 27.95 -12.50 -4.38
N ALA B 218 26.82 -12.81 -3.77
CA ALA B 218 25.59 -12.07 -4.07
C ALA B 218 25.67 -10.63 -3.56
N PHE B 219 26.23 -10.46 -2.36
CA PHE B 219 26.38 -9.10 -1.80
C PHE B 219 27.28 -8.24 -2.70
N LYS B 220 28.32 -8.84 -3.25
CA LYS B 220 29.26 -8.11 -4.10
C LYS B 220 28.71 -7.69 -5.46
N LEU B 221 27.57 -8.27 -5.85
CA LEU B 221 26.99 -8.01 -7.16
C LEU B 221 26.63 -6.53 -7.32
N ILE B 222 26.09 -5.96 -6.26
CA ILE B 222 25.62 -4.57 -6.28
C ILE B 222 26.75 -3.54 -6.31
N ASP B 223 26.67 -2.61 -7.27
CA ASP B 223 27.54 -1.44 -7.30
C ASP B 223 26.94 -0.41 -6.33
N ARG B 224 27.46 -0.37 -5.11
CA ARG B 224 26.88 0.48 -4.06
C ARG B 224 27.02 1.97 -4.37
N LYS B 225 28.19 2.37 -4.85
CA LYS B 225 28.38 3.79 -5.14
C LYS B 225 27.43 4.24 -6.25
N ALA B 226 27.27 3.43 -7.29
CA ALA B 226 26.38 3.80 -8.38
C ALA B 226 24.92 3.80 -7.88
N MET B 227 24.58 2.86 -7.01
CA MET B 227 23.22 2.83 -6.44
C MET B 227 22.93 4.11 -5.65
N TRP B 228 23.90 4.56 -4.86
CA TRP B 228 23.78 5.83 -4.12
C TRP B 228 23.62 7.03 -5.06
N LYS B 229 24.45 7.11 -6.10
CA LYS B 229 24.29 8.21 -7.06
C LYS B 229 22.92 8.23 -7.72
N TRP B 230 22.46 7.03 -8.13
CA TRP B 230 21.18 6.95 -8.81
C TRP B 230 20.02 7.28 -7.86
N LEU B 231 20.03 6.71 -6.67
CA LEU B 231 18.97 7.00 -5.71
C LEU B 231 18.92 8.50 -5.39
N GLY B 232 20.09 9.13 -5.36
CA GLY B 232 20.16 10.55 -5.11
C GLY B 232 19.43 11.37 -6.17
N LYS B 233 19.36 10.85 -7.40
CA LYS B 233 18.63 11.54 -8.48
C LYS B 233 17.10 11.52 -8.28
N LEU B 234 16.63 10.58 -7.46
CA LEU B 234 15.18 10.42 -7.26
C LEU B 234 14.65 11.30 -6.15
N LYS B 235 15.54 11.84 -5.32
CA LYS B 235 15.13 12.70 -4.21
C LYS B 235 14.48 13.99 -4.74
N GLN B 236 13.27 14.29 -4.26
CA GLN B 236 12.48 15.42 -4.78
C GLN B 236 12.48 16.61 -3.82
N PRO B 237 12.21 17.81 -4.34
CA PRO B 237 12.25 18.98 -3.44
C PRO B 237 11.29 18.86 -2.26
N ASP B 238 10.19 18.14 -2.45
CA ASP B 238 9.21 18.03 -1.37
C ASP B 238 9.54 16.97 -0.32
N GLY B 239 10.71 16.35 -0.45
CA GLY B 239 11.18 15.40 0.55
C GLY B 239 10.97 13.92 0.18
N GLY B 240 10.07 13.67 -0.77
CA GLY B 240 9.83 12.31 -1.23
C GLY B 240 10.75 11.85 -2.34
N PHE B 241 10.40 10.73 -2.96
CA PHE B 241 11.24 10.09 -4.00
C PHE B 241 10.37 9.69 -5.17
N THR B 242 10.85 9.92 -6.38
CA THR B 242 10.26 9.25 -7.53
C THR B 242 10.71 7.80 -7.58
N VAL B 243 9.97 6.97 -8.32
CA VAL B 243 10.32 5.55 -8.37
C VAL B 243 11.40 5.24 -9.41
N CYS B 244 11.58 6.17 -10.36
CA CYS B 244 12.63 6.08 -11.37
C CYS B 244 12.72 7.47 -11.98
N GLU B 245 13.77 7.74 -12.75
CA GLU B 245 13.90 9.06 -13.35
C GLU B 245 12.78 9.28 -14.34
N GLY B 246 11.98 10.32 -14.10
CA GLY B 246 10.85 10.63 -14.96
C GLY B 246 9.59 9.89 -14.56
N GLY B 247 9.67 9.10 -13.49
CA GLY B 247 8.53 8.31 -12.99
C GLY B 247 7.73 8.97 -11.87
N GLU B 248 6.72 8.26 -11.38
CA GLU B 248 5.82 8.81 -10.38
C GLU B 248 6.51 8.98 -9.00
N GLU B 249 6.03 9.96 -8.25
CA GLU B 249 6.41 10.17 -6.85
C GLU B 249 5.28 9.69 -5.94
N ASP B 250 5.56 8.65 -5.16
CA ASP B 250 4.54 8.18 -4.21
C ASP B 250 5.25 7.54 -3.04
N VAL B 251 4.49 7.20 -2.00
CA VAL B 251 5.10 6.74 -0.74
C VAL B 251 5.76 5.36 -0.89
N ARG B 252 5.31 4.56 -1.84
CA ARG B 252 5.94 3.29 -2.13
C ARG B 252 7.37 3.59 -2.60
N GLY B 253 7.53 4.67 -3.38
CA GLY B 253 8.86 5.08 -3.82
C GLY B 253 9.79 5.42 -2.65
N ALA B 254 9.28 6.19 -1.69
CA ALA B 254 10.07 6.54 -0.51
C ALA B 254 10.45 5.30 0.33
N TYR B 255 9.48 4.45 0.62
CA TYR B 255 9.75 3.22 1.35
C TYR B 255 10.77 2.30 0.67
N CYS B 256 10.59 2.03 -0.63
CA CYS B 256 11.52 1.13 -1.35
C CYS B 256 12.92 1.77 -1.38
N ALA B 257 13.00 3.08 -1.63
CA ALA B 257 14.33 3.75 -1.66
C ALA B 257 15.05 3.63 -0.32
N MET B 258 14.32 3.86 0.75
CA MET B 258 14.98 3.90 2.05
C MET B 258 15.33 2.50 2.57
N VAL B 259 14.55 1.49 2.21
CA VAL B 259 14.94 0.11 2.52
C VAL B 259 16.25 -0.27 1.80
N VAL B 260 16.33 0.07 0.51
CA VAL B 260 17.58 -0.18 -0.23
C VAL B 260 18.73 0.58 0.43
N HIS B 261 18.48 1.85 0.78
CA HIS B 261 19.49 2.71 1.41
C HIS B 261 19.97 2.08 2.73
N ALA B 262 19.04 1.64 3.57
CA ALA B 262 19.37 1.06 4.87
C ALA B 262 20.11 -0.27 4.75
N LEU B 263 19.59 -1.19 3.94
CA LEU B 263 20.18 -2.53 3.90
C LEU B 263 21.59 -2.54 3.28
N LEU B 264 21.85 -1.58 2.39
CA LEU B 264 23.18 -1.46 1.78
C LEU B 264 24.10 -0.49 2.53
N ASP B 265 23.63 0.02 3.67
CA ASP B 265 24.37 1.05 4.42
C ASP B 265 24.93 2.16 3.52
N LEU B 266 24.08 2.75 2.70
CA LEU B 266 24.52 3.86 1.86
C LEU B 266 24.76 5.10 2.71
N PRO B 267 25.60 6.02 2.23
CA PRO B 267 25.80 7.26 3.00
C PRO B 267 24.52 8.06 3.12
N LEU B 268 24.32 8.65 4.29
CA LEU B 268 23.14 9.45 4.56
C LEU B 268 23.14 10.72 3.72
N ALA B 269 24.31 11.32 3.49
CA ALA B 269 24.36 12.53 2.68
C ALA B 269 23.96 12.26 1.23
N LEU B 270 23.27 13.22 0.61
CA LEU B 270 23.04 13.14 -0.82
C LEU B 270 24.37 13.26 -1.57
N PRO B 271 24.46 12.64 -2.75
CA PRO B 271 25.66 12.87 -3.59
C PRO B 271 25.90 14.38 -3.76
N PRO B 272 27.18 14.80 -3.82
CA PRO B 272 27.50 16.24 -3.85
C PRO B 272 26.80 17.00 -4.97
N GLU B 273 26.47 16.29 -6.06
CA GLU B 273 25.84 16.92 -7.22
C GLU B 273 24.34 16.61 -7.40
N ALA B 274 23.73 15.99 -6.39
CA ALA B 274 22.31 15.70 -6.43
C ALA B 274 21.51 16.97 -6.64
N GLU B 275 20.58 16.93 -7.58
CA GLU B 275 19.76 18.11 -7.90
CA GLU B 275 19.75 18.10 -7.91
C GLU B 275 19.00 18.62 -6.69
N ALA B 276 18.52 17.71 -5.85
CA ALA B 276 17.78 18.10 -4.65
C ALA B 276 18.59 19.06 -3.75
N ARG B 277 19.92 19.04 -3.86
CA ARG B 277 20.72 19.99 -3.06
C ARG B 277 20.43 21.43 -3.44
N GLN B 278 20.00 21.65 -4.67
CA GLN B 278 19.62 22.99 -5.13
CA GLN B 278 19.64 23.01 -5.10
C GLN B 278 18.39 23.52 -4.40
N ASN B 279 17.64 22.61 -3.81
CA ASN B 279 16.43 22.92 -3.07
C ASN B 279 16.65 22.90 -1.57
N GLY B 280 17.91 23.02 -1.15
CA GLY B 280 18.25 23.13 0.26
C GLY B 280 18.32 21.80 1.03
N LEU B 281 18.07 20.70 0.36
CA LEU B 281 18.17 19.37 1.02
C LEU B 281 19.61 18.85 1.04
N GLU B 282 20.00 18.16 2.11
CA GLU B 282 21.37 17.71 2.27
C GLU B 282 21.51 16.19 2.38
N THR B 283 20.48 15.53 2.92
CA THR B 283 20.56 14.08 3.13
C THR B 283 19.32 13.41 2.53
N PHE B 284 19.39 12.09 2.42
CA PHE B 284 18.25 11.32 1.90
C PHE B 284 16.98 11.44 2.74
N THR B 285 17.15 11.74 4.02
CA THR B 285 15.98 11.80 4.94
C THR B 285 15.48 13.22 5.18
N ASP B 286 16.22 14.22 4.69
CA ASP B 286 15.78 15.63 4.81
C ASP B 286 14.41 15.83 4.17
N GLY B 287 13.46 16.32 4.96
CA GLY B 287 12.13 16.59 4.44
C GLY B 287 11.25 15.36 4.28
N LEU B 288 11.80 14.20 4.57
CA LEU B 288 11.06 12.93 4.34
C LEU B 288 9.90 12.68 5.33
N PRO B 289 10.14 12.77 6.65
CA PRO B 289 8.98 12.52 7.51
C PRO B 289 7.90 13.59 7.37
N GLU B 290 8.30 14.83 7.08
CA GLU B 290 7.31 15.87 6.77
C GLU B 290 6.46 15.50 5.56
N TYR B 291 7.13 15.01 4.51
CA TYR B 291 6.42 14.55 3.31
C TYR B 291 5.41 13.46 3.68
N LEU B 292 5.84 12.48 4.49
CA LEU B 292 4.94 11.38 4.85
C LEU B 292 3.75 11.91 5.68
N SER B 293 4.01 12.86 6.58
CA SER B 293 2.92 13.51 7.32
C SER B 293 1.88 14.13 6.38
N ARG B 294 2.36 14.72 5.29
CA ARG B 294 1.45 15.35 4.31
C ARG B 294 0.68 14.33 3.47
N CYS B 295 0.95 13.04 3.69
CA CYS B 295 0.17 11.98 3.02
C CYS B 295 -0.90 11.37 3.93
N GLN B 296 -0.98 11.80 5.19
CA GLN B 296 -2.08 11.34 6.02
C GLN B 296 -3.35 11.98 5.48
N THR B 297 -4.49 11.30 5.61
CA THR B 297 -5.75 11.92 5.16
C THR B 297 -6.71 12.18 6.32
N TYR B 298 -7.81 12.87 6.02
CA TYR B 298 -8.85 13.14 7.01
C TYR B 298 -9.43 11.84 7.60
N GLU B 299 -9.29 10.72 6.89
CA GLU B 299 -9.80 9.44 7.42
C GLU B 299 -8.91 8.85 8.52
N GLY B 300 -7.65 9.29 8.56
CA GLY B 300 -6.68 8.76 9.50
C GLY B 300 -5.62 7.91 8.82
N GLY B 301 -5.99 7.26 7.74
CA GLY B 301 -5.03 6.45 7.00
C GLY B 301 -4.11 7.31 6.14
N ILE B 302 -3.33 6.66 5.29
CA ILE B 302 -2.24 7.34 4.56
C ILE B 302 -2.38 7.00 3.10
N SER B 303 -2.26 8.01 2.26
CA SER B 303 -2.47 7.84 0.82
C SER B 303 -1.12 7.73 0.04
N GLY B 304 -1.19 7.42 -1.25
CA GLY B 304 0.03 7.22 -2.02
C GLY B 304 0.78 8.51 -2.28
N SER B 305 0.03 9.61 -2.36
CA SER B 305 0.60 10.93 -2.56
C SER B 305 -0.38 11.91 -1.90
N PRO B 306 0.06 13.14 -1.61
CA PRO B 306 -0.83 14.06 -0.86
C PRO B 306 -2.21 14.25 -1.48
N GLY B 307 -3.25 14.09 -0.68
CA GLY B 307 -4.62 14.34 -1.09
C GLY B 307 -5.30 13.13 -1.70
N SER B 308 -4.53 12.09 -2.00
CA SER B 308 -5.15 10.88 -2.53
C SER B 308 -5.84 10.11 -1.40
N GLU B 309 -6.46 8.98 -1.73
CA GLU B 309 -7.32 8.29 -0.77
C GLU B 309 -6.49 7.40 0.17
N ALA B 310 -6.82 7.42 1.46
CA ALA B 310 -6.12 6.52 2.43
C ALA B 310 -6.16 5.07 1.97
N HIS B 311 -5.02 4.38 2.03
CA HIS B 311 -4.99 3.00 1.54
C HIS B 311 -3.99 2.19 2.35
N GLY B 312 -4.38 0.98 2.73
CA GLY B 312 -3.50 0.12 3.51
C GLY B 312 -2.09 -0.10 2.96
N ALA B 313 -1.93 -0.23 1.65
CA ALA B 313 -0.58 -0.47 1.12
C ALA B 313 0.34 0.72 1.40
N TYR B 314 -0.22 1.93 1.28
CA TYR B 314 0.57 3.13 1.51
C TYR B 314 0.75 3.43 3.01
N ALA B 315 -0.23 3.05 3.82
CA ALA B 315 -0.03 3.12 5.26
C ALA B 315 1.18 2.29 5.67
N PHE B 316 1.28 1.07 5.14
CA PHE B 316 2.44 0.25 5.47
C PHE B 316 3.73 0.95 5.04
N CYS B 317 3.76 1.38 3.78
CA CYS B 317 4.98 2.04 3.27
C CYS B 317 5.40 3.22 4.14
N ALA B 318 4.44 4.06 4.51
CA ALA B 318 4.76 5.28 5.27
C ALA B 318 5.17 4.95 6.69
N LEU B 319 4.46 4.03 7.34
CA LEU B 319 4.79 3.70 8.73
C LEU B 319 6.13 2.99 8.81
N ALA B 320 6.37 2.07 7.87
CA ALA B 320 7.64 1.35 7.88
C ALA B 320 8.77 2.32 7.58
N CYS B 321 8.53 3.24 6.64
CA CYS B 321 9.56 4.25 6.34
C CYS B 321 9.86 5.14 7.56
N LEU B 322 8.82 5.55 8.29
CA LEU B 322 9.04 6.36 9.50
C LEU B 322 9.92 5.60 10.49
N CYS B 323 9.67 4.30 10.64
CA CYS B 323 10.42 3.48 11.57
C CYS B 323 11.86 3.21 11.12
N LEU B 324 12.21 3.59 9.89
CA LEU B 324 13.62 3.60 9.51
C LEU B 324 14.32 4.89 9.93
N LEU B 325 13.55 5.86 10.44
CA LEU B 325 14.11 7.18 10.78
C LEU B 325 14.38 7.39 12.26
N GLY B 326 13.81 6.54 13.10
CA GLY B 326 13.97 6.67 14.54
C GLY B 326 13.11 5.65 15.24
N ARG B 327 12.97 5.77 16.56
CA ARG B 327 12.16 4.82 17.32
C ARG B 327 10.69 5.07 17.00
N PRO B 328 9.90 4.00 16.87
CA PRO B 328 8.48 4.10 16.54
C PRO B 328 7.72 5.06 17.47
N GLU B 329 8.00 5.00 18.77
CA GLU B 329 7.27 5.80 19.75
C GLU B 329 7.68 7.29 19.69
N VAL B 330 8.75 7.58 18.96
CA VAL B 330 9.11 8.97 18.72
C VAL B 330 8.56 9.46 17.39
N VAL B 331 8.85 8.72 16.33
N VAL B 331 8.86 8.72 16.32
CA VAL B 331 8.58 9.22 15.00
CA VAL B 331 8.58 9.21 14.96
C VAL B 331 7.09 9.14 14.65
C VAL B 331 7.12 9.08 14.54
N VAL B 332 6.46 8.02 14.97
CA VAL B 332 5.08 7.82 14.53
C VAL B 332 4.11 8.87 15.11
N PRO B 333 4.15 9.10 16.44
CA PRO B 333 3.23 10.10 16.99
C PRO B 333 3.62 11.52 16.59
N ARG B 334 4.88 11.72 16.25
CA ARG B 334 5.31 13.07 15.89
C ARG B 334 4.73 13.46 14.53
N TYR B 335 4.76 12.53 13.59
CA TYR B 335 4.39 12.86 12.21
C TYR B 335 3.02 12.39 11.78
N MET B 336 2.40 11.50 12.57
CA MET B 336 1.06 11.04 12.25
C MET B 336 0.12 11.33 13.42
N ASN B 337 -1.12 11.65 13.09
CA ASN B 337 -2.14 11.71 14.12
C ASN B 337 -2.62 10.29 14.44
N ILE B 338 -2.18 9.72 15.56
CA ILE B 338 -2.51 8.35 15.89
C ILE B 338 -3.99 8.20 16.26
N ALA B 339 -4.59 9.28 16.72
CA ALA B 339 -6.01 9.31 17.09
C ALA B 339 -6.97 9.00 15.94
N THR B 340 -6.56 9.34 14.72
CA THR B 340 -7.37 9.01 13.57
C THR B 340 -6.80 7.77 12.85
N LEU B 341 -5.48 7.60 12.90
CA LEU B 341 -4.85 6.44 12.25
C LEU B 341 -5.35 5.13 12.86
N LEU B 342 -5.38 5.06 14.19
CA LEU B 342 -5.76 3.80 14.84
C LEU B 342 -7.16 3.29 14.48
N PRO B 343 -8.21 4.15 14.58
CA PRO B 343 -9.51 3.58 14.23
C PRO B 343 -9.61 3.23 12.75
N TRP B 344 -8.97 4.02 11.87
CA TRP B 344 -9.03 3.67 10.45
C TRP B 344 -8.36 2.30 10.20
N LEU B 345 -7.23 2.07 10.84
CA LEU B 345 -6.54 0.79 10.67
C LEU B 345 -7.41 -0.35 11.20
N SER B 346 -7.97 -0.12 12.38
CA SER B 346 -8.90 -1.09 12.96
C SER B 346 -10.06 -1.40 12.02
N ALA B 347 -10.60 -0.37 11.38
CA ALA B 347 -11.76 -0.54 10.49
C ALA B 347 -11.44 -1.28 9.20
N ARG B 348 -10.17 -1.59 8.96
CA ARG B 348 -9.82 -2.37 7.75
C ARG B 348 -10.35 -3.78 7.81
N GLN B 349 -10.59 -4.29 9.03
CA GLN B 349 -10.96 -5.69 9.19
C GLN B 349 -12.46 -5.88 9.25
N TYR B 350 -12.98 -6.87 8.48
CA TYR B 350 -14.42 -7.13 8.40
C TYR B 350 -14.79 -8.48 9.01
N ALA B 351 -16.04 -8.61 9.44
CA ALA B 351 -16.61 -9.93 9.73
C ALA B 351 -17.87 -10.07 8.88
N PRO B 352 -18.15 -11.29 8.39
CA PRO B 352 -17.53 -12.55 8.80
C PRO B 352 -16.22 -12.93 8.09
N GLU B 353 -15.84 -12.19 7.04
CA GLU B 353 -14.67 -12.59 6.27
C GLU B 353 -13.41 -12.78 7.13
N GLY B 354 -13.17 -11.84 8.05
CA GLY B 354 -12.04 -11.92 8.94
C GLY B 354 -10.78 -11.24 8.44
N GLY B 355 -10.71 -11.02 7.12
CA GLY B 355 -9.55 -10.40 6.50
C GLY B 355 -9.61 -8.88 6.47
N PHE B 356 -8.63 -8.26 5.80
CA PHE B 356 -8.54 -6.79 5.74
C PHE B 356 -8.86 -6.32 4.32
N SER B 357 -9.56 -5.18 4.22
CA SER B 357 -9.70 -4.44 2.97
C SER B 357 -8.58 -3.39 2.92
N GLY B 358 -8.35 -2.80 1.75
CA GLY B 358 -7.29 -1.79 1.64
C GLY B 358 -7.77 -0.36 1.85
N ARG B 359 -9.06 -0.14 1.61
CA ARG B 359 -9.64 1.20 1.76
C ARG B 359 -11.12 1.11 2.06
N THR B 360 -11.65 2.21 2.58
CA THR B 360 -13.03 2.26 3.05
C THR B 360 -14.03 1.87 1.97
N ASN B 361 -14.96 0.98 2.33
CA ASN B 361 -16.01 0.54 1.39
C ASN B 361 -15.52 -0.27 0.18
N LYS B 362 -14.32 -0.84 0.27
CA LYS B 362 -13.89 -1.83 -0.72
C LYS B 362 -13.78 -3.20 -0.06
N LEU B 363 -13.21 -4.17 -0.78
CA LEU B 363 -13.37 -5.58 -0.37
C LEU B 363 -12.12 -6.13 0.31
N VAL B 364 -12.29 -7.13 1.18
CA VAL B 364 -11.14 -7.83 1.74
C VAL B 364 -10.27 -8.44 0.63
N ASP B 365 -8.99 -8.64 0.93
CA ASP B 365 -8.04 -9.20 -0.04
C ASP B 365 -6.89 -9.75 0.79
N GLY B 366 -6.50 -11.00 0.51
CA GLY B 366 -5.47 -11.66 1.30
C GLY B 366 -4.10 -10.97 1.24
N CYS B 367 -3.82 -10.15 0.23
CA CYS B 367 -2.49 -9.50 0.25
C CYS B 367 -2.39 -8.46 1.37
N TYR B 368 -3.54 -7.93 1.80
CA TYR B 368 -3.52 -6.92 2.85
C TYR B 368 -3.22 -7.58 4.19
N SER B 369 -3.18 -8.92 4.22
CA SER B 369 -2.74 -9.59 5.43
C SER B 369 -1.35 -9.09 5.79
N HIS B 370 -0.54 -8.79 4.77
CA HIS B 370 0.71 -8.09 5.01
C HIS B 370 0.56 -6.57 5.09
N TRP B 371 0.00 -5.93 4.05
CA TRP B 371 0.05 -4.46 4.03
C TRP B 371 -0.63 -3.85 5.25
N VAL B 372 -1.81 -4.36 5.60
CA VAL B 372 -2.48 -3.88 6.80
C VAL B 372 -1.93 -4.60 8.04
N GLY B 373 -1.76 -5.91 7.93
CA GLY B 373 -1.40 -6.72 9.09
C GLY B 373 -0.10 -6.25 9.72
N ASN B 374 0.89 -5.97 8.88
CA ASN B 374 2.19 -5.52 9.40
C ASN B 374 2.25 -4.04 9.79
N CYS B 375 1.18 -3.27 9.53
CA CYS B 375 1.10 -1.97 10.21
C CYS B 375 0.96 -2.17 11.71
N TRP B 376 0.34 -3.28 12.11
CA TRP B 376 0.04 -3.45 13.54
C TRP B 376 1.25 -3.52 14.51
N PRO B 377 2.28 -4.32 14.19
CA PRO B 377 3.45 -4.29 15.09
C PRO B 377 4.12 -2.90 15.12
N LEU B 378 4.01 -2.14 14.03
CA LEU B 378 4.63 -0.80 14.00
C LEU B 378 3.85 0.16 14.89
N VAL B 379 2.53 0.17 14.74
N VAL B 379 2.52 0.20 14.75
CA VAL B 379 1.67 1.05 15.52
CA VAL B 379 1.76 1.13 15.57
C VAL B 379 1.73 0.64 17.00
C VAL B 379 1.73 0.65 17.03
N GLN B 380 1.71 -0.67 17.23
CA GLN B 380 1.76 -1.19 18.60
C GLN B 380 3.10 -0.82 19.27
N ALA B 381 4.21 -0.86 18.51
CA ALA B 381 5.48 -0.37 19.05
C ALA B 381 5.45 1.14 19.31
N ALA B 382 4.77 1.90 18.46
CA ALA B 382 4.65 3.34 18.71
C ALA B 382 3.94 3.63 20.04
N LEU B 383 2.99 2.78 20.40
CA LEU B 383 2.21 2.90 21.63
C LEU B 383 2.96 2.34 22.84
N ASP B 384 3.65 1.22 22.67
CA ASP B 384 4.36 0.53 23.78
C ASP B 384 5.72 1.13 24.13
N GLY B 385 6.41 1.59 23.11
CA GLY B 385 7.76 2.07 23.30
C GLY B 385 8.73 0.93 23.20
N THR B 386 10.01 1.30 23.23
CA THR B 386 11.10 0.38 23.02
C THR B 386 11.23 -0.51 24.26
N GLN B 387 11.40 -1.81 24.05
CA GLN B 387 11.54 -2.76 25.16
C GLN B 387 13.00 -2.98 25.54
N PRO B 388 13.35 -2.73 26.80
CA PRO B 388 14.76 -2.91 27.20
C PRO B 388 15.08 -4.40 27.37
N LEU B 389 16.27 -4.83 26.95
CA LEU B 389 16.65 -6.24 27.14
C LEU B 389 17.13 -6.50 28.56
N ARG B 394 7.04 -2.13 30.29
CA ARG B 394 6.96 -3.43 29.75
C ARG B 394 5.59 -3.89 29.48
N SER B 395 4.51 -3.35 30.06
CA SER B 395 3.30 -3.95 29.57
C SER B 395 3.04 -3.40 28.20
N SER B 396 2.19 -4.07 27.53
CA SER B 396 1.94 -3.84 26.11
C SER B 396 0.47 -3.62 25.87
N VAL B 397 0.16 -2.82 24.85
CA VAL B 397 -1.23 -2.63 24.43
C VAL B 397 -1.79 -3.90 23.82
N GLY B 398 -0.90 -4.83 23.47
CA GLY B 398 -1.32 -6.10 22.89
C GLY B 398 -1.69 -5.91 21.42
N ASN B 399 -2.40 -6.88 20.87
CA ASN B 399 -2.88 -6.83 19.50
C ASN B 399 -4.22 -6.15 19.45
N LEU B 400 -4.33 -5.12 18.60
CA LEU B 400 -5.52 -4.29 18.57
C LEU B 400 -6.46 -4.65 17.42
N TYR B 401 -6.20 -5.79 16.78
CA TYR B 401 -7.02 -6.34 15.71
C TYR B 401 -7.31 -7.82 16.07
N SER B 402 -8.07 -8.53 15.23
CA SER B 402 -8.42 -9.92 15.50
C SER B 402 -7.50 -10.88 14.78
N ARG B 403 -6.57 -11.49 15.50
CA ARG B 403 -5.70 -12.49 14.88
C ARG B 403 -6.53 -13.68 14.42
N GLU B 404 -7.56 -14.00 15.18
CA GLU B 404 -8.45 -15.11 14.82
C GLU B 404 -9.09 -14.85 13.45
N GLY B 405 -9.67 -13.67 13.27
CA GLY B 405 -10.32 -13.37 12.00
C GLY B 405 -9.35 -13.46 10.82
N LEU B 406 -8.17 -12.86 10.98
CA LEU B 406 -7.22 -12.87 9.87
C LEU B 406 -6.78 -14.30 9.53
N THR B 407 -6.55 -15.08 10.58
CA THR B 407 -6.13 -16.47 10.36
C THR B 407 -7.22 -17.27 9.66
N ARG B 408 -8.47 -17.08 10.06
CA ARG B 408 -9.60 -17.76 9.39
C ARG B 408 -9.66 -17.35 7.94
N TYR B 409 -9.52 -16.04 7.68
CA TYR B 409 -9.59 -15.60 6.30
C TYR B 409 -8.50 -16.29 5.45
N ILE B 410 -7.27 -16.28 5.95
CA ILE B 410 -6.16 -16.80 5.14
C ILE B 410 -6.30 -18.31 4.95
N LEU B 411 -6.50 -19.03 6.05
CA LEU B 411 -6.48 -20.50 5.96
C LEU B 411 -7.78 -21.11 5.42
N SER B 412 -8.92 -20.51 5.77
CA SER B 412 -10.20 -21.06 5.31
C SER B 412 -10.56 -20.57 3.91
N CYS B 413 -10.16 -19.33 3.57
CA CYS B 413 -10.67 -18.70 2.34
C CYS B 413 -9.65 -18.45 1.25
N CYS B 414 -8.36 -18.34 1.62
CA CYS B 414 -7.36 -17.91 0.63
C CYS B 414 -6.47 -19.02 0.10
N GLN B 415 -6.70 -20.27 0.51
CA GLN B 415 -5.91 -21.36 -0.03
C GLN B 415 -6.52 -22.00 -1.27
N CYS B 416 -5.73 -22.08 -2.33
N CYS B 416 -5.73 -22.10 -2.32
CA CYS B 416 -6.16 -22.76 -3.54
CA CYS B 416 -6.19 -22.78 -3.52
C CYS B 416 -5.88 -24.26 -3.42
C CYS B 416 -5.86 -24.26 -3.46
N LYS B 417 -6.85 -25.08 -3.81
CA LYS B 417 -6.73 -26.54 -3.65
C LYS B 417 -5.54 -27.11 -4.41
N LEU B 418 -5.15 -26.45 -5.49
CA LEU B 418 -4.02 -26.94 -6.28
C LEU B 418 -2.70 -26.31 -5.86
N GLY B 419 -2.74 -25.46 -4.85
CA GLY B 419 -1.52 -24.81 -4.37
C GLY B 419 -1.52 -23.34 -4.71
N GLY B 420 -0.85 -22.55 -3.87
CA GLY B 420 -0.87 -21.10 -4.00
C GLY B 420 -1.97 -20.50 -3.16
N LEU B 421 -1.84 -19.21 -2.83
CA LEU B 421 -2.91 -18.49 -2.13
C LEU B 421 -3.39 -17.35 -2.99
N ARG B 422 -4.57 -16.85 -2.66
CA ARG B 422 -5.30 -15.93 -3.53
C ARG B 422 -5.81 -14.73 -2.77
N ASP B 423 -6.16 -13.70 -3.55
CA ASP B 423 -6.83 -12.49 -3.06
C ASP B 423 -8.11 -12.86 -2.27
N LYS B 424 -9.01 -13.60 -2.90
CA LYS B 424 -10.27 -13.96 -2.28
C LYS B 424 -10.84 -15.11 -3.07
N PRO B 425 -11.85 -15.80 -2.53
CA PRO B 425 -12.50 -16.88 -3.27
C PRO B 425 -12.99 -16.38 -4.63
N GLY B 426 -12.83 -17.19 -5.67
CA GLY B 426 -13.18 -16.78 -7.02
C GLY B 426 -12.02 -16.24 -7.83
N LYS B 427 -10.90 -15.98 -7.17
CA LYS B 427 -9.67 -15.55 -7.84
C LYS B 427 -8.66 -16.69 -7.98
N HIS B 428 -7.99 -16.77 -9.14
CA HIS B 428 -6.86 -17.68 -9.29
C HIS B 428 -5.72 -17.23 -8.37
N PRO B 429 -4.90 -18.17 -7.86
CA PRO B 429 -3.74 -17.73 -7.07
C PRO B 429 -2.72 -17.05 -7.93
N ASP B 430 -1.83 -16.31 -7.29
CA ASP B 430 -0.61 -15.83 -7.94
C ASP B 430 0.49 -15.72 -6.90
N SER B 431 1.74 -15.56 -7.33
CA SER B 431 2.81 -15.63 -6.34
C SER B 431 2.87 -14.40 -5.44
N TYR B 432 2.34 -13.27 -5.93
CA TYR B 432 2.24 -12.05 -5.13
C TYR B 432 1.28 -12.30 -3.97
N HIS B 433 0.10 -12.84 -4.27
CA HIS B 433 -0.87 -13.14 -3.22
C HIS B 433 -0.42 -14.27 -2.30
N THR B 434 0.34 -15.20 -2.84
CA THR B 434 0.89 -16.29 -2.03
C THR B 434 1.92 -15.73 -1.03
N CYS B 435 2.83 -14.90 -1.53
CA CYS B 435 3.83 -14.30 -0.64
C CYS B 435 3.16 -13.51 0.51
N TYR B 436 2.23 -12.62 0.16
CA TYR B 436 1.73 -11.71 1.19
C TYR B 436 0.69 -12.34 2.12
N ALA B 437 -0.06 -13.34 1.66
CA ALA B 437 -0.97 -14.03 2.61
C ALA B 437 -0.10 -14.80 3.61
N LEU B 438 0.97 -15.43 3.14
CA LEU B 438 1.83 -16.15 4.08
C LEU B 438 2.54 -15.19 5.02
N THR B 439 2.93 -14.03 4.51
CA THR B 439 3.65 -13.06 5.34
C THR B 439 2.70 -12.63 6.46
N GLY B 440 1.44 -12.37 6.11
CA GLY B 440 0.46 -12.00 7.13
C GLY B 440 0.17 -13.12 8.14
N LEU B 441 0.14 -14.35 7.66
CA LEU B 441 -0.07 -15.47 8.57
C LEU B 441 1.11 -15.54 9.56
N SER B 442 2.32 -15.30 9.07
CA SER B 442 3.46 -15.30 9.98
C SER B 442 3.34 -14.23 11.05
N THR B 443 2.91 -13.03 10.67
CA THR B 443 2.88 -11.97 11.67
CA THR B 443 2.75 -11.91 11.62
C THR B 443 1.92 -12.31 12.83
N VAL B 444 0.84 -13.04 12.57
CA VAL B 444 -0.08 -13.34 13.70
C VAL B 444 0.55 -14.35 14.66
N GLN B 445 1.64 -14.98 14.23
CA GLN B 445 2.24 -16.07 15.01
C GLN B 445 3.40 -15.59 15.89
N TYR B 446 3.69 -14.29 15.87
CA TYR B 446 4.82 -13.70 16.62
C TYR B 446 4.46 -12.43 17.33
N TYR B 447 5.10 -12.25 18.48
N TYR B 447 5.11 -12.20 18.46
CA TYR B 447 5.27 -10.93 19.08
CA TYR B 447 5.14 -10.84 19.03
C TYR B 447 6.44 -10.31 18.33
C TYR B 447 6.41 -10.18 18.52
N HIS B 448 6.23 -9.17 17.68
CA HIS B 448 7.32 -8.41 17.09
C HIS B 448 7.41 -7.10 17.84
N TYR B 449 8.60 -6.75 18.29
CA TYR B 449 8.75 -5.54 19.08
C TYR B 449 10.14 -4.98 18.91
N CYS B 450 10.30 -3.74 19.32
N CYS B 450 10.32 -3.70 19.23
CA CYS B 450 11.54 -3.00 19.17
CA CYS B 450 11.64 -3.11 19.07
C CYS B 450 12.31 -3.04 20.50
C CYS B 450 12.31 -2.97 20.45
N THR B 451 13.63 -2.96 20.43
CA THR B 451 14.43 -3.02 21.66
C THR B 451 15.52 -1.96 21.69
N ASP B 452 16.25 -1.92 22.80
CA ASP B 452 17.39 -1.01 22.95
C ASP B 452 18.68 -1.69 22.52
N SER B 453 18.55 -2.84 21.87
CA SER B 453 19.71 -3.63 21.41
C SER B 453 19.68 -3.79 19.89
N SER B 454 20.61 -3.13 19.20
CA SER B 454 20.64 -3.13 17.74
C SER B 454 21.83 -3.91 17.17
N VAL B 455 21.66 -4.53 16.01
CA VAL B 455 22.81 -5.15 15.33
C VAL B 455 23.64 -4.12 14.56
N SER B 456 23.09 -2.91 14.38
CA SER B 456 23.80 -1.85 13.67
C SER B 456 24.86 -1.17 14.52
N SER B 457 26.00 -0.89 13.90
CA SER B 457 27.07 -0.17 14.58
C SER B 457 27.00 1.33 14.27
N PHE B 461 19.59 4.39 11.37
CA PHE B 461 18.56 3.35 11.34
C PHE B 461 18.71 2.37 12.50
N SER B 462 19.28 2.83 13.62
N SER B 462 19.28 2.82 13.63
CA SER B 462 19.56 1.94 14.76
CA SER B 462 19.56 1.92 14.75
C SER B 462 18.33 1.14 15.22
C SER B 462 18.33 1.14 15.23
N SER B 463 17.22 1.85 15.42
CA SER B 463 15.97 1.23 15.87
C SER B 463 15.50 0.17 14.89
N ALA B 464 15.62 0.45 13.59
CA ALA B 464 15.16 -0.53 12.59
C ALA B 464 15.87 -1.88 12.72
N PHE B 465 17.10 -1.87 13.23
CA PHE B 465 17.85 -3.12 13.39
C PHE B 465 17.82 -3.63 14.81
N SER B 466 16.84 -3.16 15.58
N SER B 466 16.84 -3.18 15.58
CA SER B 466 16.65 -3.55 16.98
CA SER B 466 16.69 -3.60 16.97
C SER B 466 15.41 -4.42 17.18
C SER B 466 15.44 -4.47 17.17
N TRP B 467 14.72 -4.75 16.09
CA TRP B 467 13.47 -5.53 16.19
C TRP B 467 13.77 -6.98 16.53
N LYS B 468 13.00 -7.53 17.45
CA LYS B 468 13.19 -8.91 17.86
C LYS B 468 11.84 -9.58 17.89
N HIS B 469 11.81 -10.89 18.14
CA HIS B 469 10.53 -11.58 18.06
C HIS B 469 10.49 -12.70 19.08
N ASP B 470 9.28 -13.00 19.53
CA ASP B 470 9.00 -14.16 20.37
C ASP B 470 7.78 -14.87 19.80
N PRO B 471 7.70 -16.19 19.96
CA PRO B 471 6.52 -16.79 19.35
C PRO B 471 5.24 -16.46 20.13
N ASN B 472 4.16 -16.26 19.40
N ASN B 472 4.18 -16.19 19.38
CA ASN B 472 2.86 -16.19 20.03
CA ASN B 472 2.82 -16.20 19.89
C ASN B 472 2.18 -17.52 19.78
C ASN B 472 2.34 -17.63 19.69
N PHE B 473 2.24 -18.41 20.76
CA PHE B 473 1.88 -19.81 20.57
C PHE B 473 0.40 -20.04 20.29
N ALA B 474 0.13 -21.08 19.52
CA ALA B 474 -1.25 -21.52 19.27
C ALA B 474 -2.05 -21.67 20.58
N SER B 475 -3.29 -21.18 20.53
CA SER B 475 -4.12 -21.04 21.71
C SER B 475 -5.03 -22.24 21.92
N ASP B 476 -5.64 -22.30 23.10
CA ASP B 476 -6.72 -23.23 23.39
C ASP B 476 -7.89 -22.41 23.95
N GLY B 477 -9.12 -22.76 23.59
CA GLY B 477 -10.26 -22.04 24.12
C GLY B 477 -10.61 -20.74 23.41
N GLN B 478 -11.66 -20.10 23.89
CA GLN B 478 -12.15 -18.87 23.29
C GLN B 478 -11.39 -17.67 23.86
N GLY B 479 -11.46 -16.53 23.18
CA GLY B 479 -10.78 -15.36 23.68
C GLY B 479 -10.72 -14.30 22.62
N SER B 480 -10.43 -13.06 23.01
CA SER B 480 -10.41 -11.94 22.06
C SER B 480 -9.12 -11.84 21.28
N ASP B 481 -8.06 -12.47 21.79
CA ASP B 481 -6.75 -12.35 21.16
C ASP B 481 -6.07 -13.70 21.17
N ILE B 482 -6.42 -14.55 20.20
CA ILE B 482 -6.02 -15.95 20.22
C ILE B 482 -5.39 -16.41 18.92
N GLY B 483 -4.58 -17.44 19.04
CA GLY B 483 -3.90 -18.01 17.89
C GLY B 483 -4.65 -19.27 17.47
N VAL B 484 -5.37 -19.18 16.36
CA VAL B 484 -6.23 -20.29 15.93
C VAL B 484 -5.63 -21.12 14.80
N PHE B 485 -4.42 -20.76 14.38
CA PHE B 485 -3.58 -21.63 13.56
C PHE B 485 -3.10 -22.78 14.48
N THR B 486 -2.59 -23.86 13.89
CA THR B 486 -1.91 -24.86 14.71
C THR B 486 -0.41 -24.60 14.69
N GLU B 487 0.31 -25.20 15.63
CA GLU B 487 1.76 -25.08 15.57
C GLU B 487 2.34 -25.75 14.32
N ASN B 488 1.61 -26.74 13.78
CA ASN B 488 2.01 -27.31 12.49
C ASN B 488 1.98 -26.28 11.37
N ASP B 489 1.22 -25.21 11.56
CA ASP B 489 1.11 -24.15 10.56
C ASP B 489 2.17 -23.04 10.74
N ARG B 490 3.06 -23.19 11.71
CA ARG B 490 4.01 -22.11 12.05
C ARG B 490 4.99 -21.81 10.92
N LEU B 491 5.09 -20.53 10.59
CA LEU B 491 6.00 -20.03 9.59
C LEU B 491 7.19 -19.33 10.26
N VAL B 492 8.25 -19.10 9.48
CA VAL B 492 9.42 -18.35 9.91
C VAL B 492 9.03 -16.88 10.16
N PRO B 493 9.56 -16.25 11.23
CA PRO B 493 9.19 -14.85 11.45
C PRO B 493 9.86 -13.93 10.41
N PHE B 494 9.16 -12.87 10.01
CA PHE B 494 9.70 -11.85 9.11
C PHE B 494 9.83 -10.52 9.85
N HIS B 495 10.84 -9.75 9.46
CA HIS B 495 11.07 -8.41 9.99
C HIS B 495 9.93 -7.50 9.52
N PRO B 496 9.29 -6.77 10.44
CA PRO B 496 8.08 -6.05 9.98
C PRO B 496 8.38 -4.88 9.08
N ILE B 497 9.62 -4.37 9.07
CA ILE B 497 9.97 -3.28 8.16
C ILE B 497 10.53 -3.83 6.84
N PHE B 498 11.42 -4.84 6.95
CA PHE B 498 12.16 -5.28 5.75
C PHE B 498 11.51 -6.44 5.01
N VAL B 499 10.54 -7.11 5.65
CA VAL B 499 9.75 -8.15 4.98
C VAL B 499 10.64 -9.27 4.42
N ILE B 500 11.63 -9.64 5.23
CA ILE B 500 12.52 -10.79 5.02
C ILE B 500 12.86 -11.27 6.44
N PRO B 501 13.47 -12.46 6.56
CA PRO B 501 13.82 -12.89 7.92
C PRO B 501 14.79 -11.91 8.61
N HIS B 502 14.66 -11.77 9.92
CA HIS B 502 15.53 -10.86 10.65
C HIS B 502 17.01 -11.16 10.39
N LYS B 503 17.40 -12.43 10.43
CA LYS B 503 18.81 -12.78 10.20
C LYS B 503 19.29 -12.33 8.81
N SER B 504 18.42 -12.45 7.81
CA SER B 504 18.79 -12.02 6.47
C SER B 504 19.05 -10.51 6.41
N ALA B 505 18.18 -9.74 7.07
CA ALA B 505 18.33 -8.27 7.08
C ALA B 505 19.57 -7.87 7.89
N GLU B 506 19.77 -8.55 9.02
CA GLU B 506 20.92 -8.31 9.89
C GLU B 506 22.21 -8.57 9.13
N ASP B 507 22.29 -9.74 8.49
CA ASP B 507 23.54 -10.16 7.84
C ASP B 507 23.95 -9.20 6.72
N ILE B 508 23.01 -8.80 5.88
CA ILE B 508 23.34 -7.89 4.79
C ILE B 508 23.79 -6.53 5.31
N ARG B 509 23.06 -6.01 6.30
CA ARG B 509 23.37 -4.69 6.83
C ARG B 509 24.75 -4.70 7.46
N VAL B 510 25.01 -5.72 8.29
CA VAL B 510 26.32 -5.81 8.96
C VAL B 510 27.46 -6.00 7.96
N TRP B 511 27.24 -6.81 6.92
CA TRP B 511 28.30 -6.98 5.92
C TRP B 511 28.65 -5.66 5.26
N PHE B 512 27.63 -4.91 4.85
CA PHE B 512 27.88 -3.62 4.23
C PHE B 512 28.47 -2.57 5.17
N GLU B 513 28.05 -2.58 6.42
CA GLU B 513 28.66 -1.69 7.43
C GLU B 513 30.16 -1.89 7.50
N ASN B 514 30.58 -3.12 7.26
CA ASN B 514 32.00 -3.47 7.35
C ASN B 514 32.80 -3.35 6.06
N GLN B 515 32.16 -2.89 4.99
CA GLN B 515 32.86 -2.59 3.73
C GLN B 515 33.06 -1.09 3.58
N SER B 516 34.26 -0.67 3.22
CA SER B 516 34.47 0.76 3.00
C SER B 516 33.69 1.16 1.75
N PHE B 517 33.19 2.38 1.73
CA PHE B 517 32.40 2.85 0.60
C PHE B 517 33.34 3.03 -0.57
N ASP B 518 32.92 2.59 -1.74
CA ASP B 518 33.80 2.57 -2.92
CA ASP B 518 33.81 2.56 -2.88
C ASP B 518 34.27 3.96 -3.33
N LEU B 519 35.51 4.06 -3.79
CA LEU B 519 36.05 5.35 -4.24
C LEU B 519 35.51 5.80 -5.60
C1 EDO C . 13.17 -8.47 -23.65
O1 EDO C . 14.14 -7.66 -24.35
C2 EDO C . 12.60 -8.17 -22.37
O2 EDO C . 12.49 -6.81 -22.15
C1 EDO D . 14.34 -2.61 -23.55
O1 EDO D . 13.71 -1.56 -22.54
C2 EDO D . 14.38 -3.82 -22.98
O2 EDO D . 12.81 -4.29 -22.99
C1 EDO E . 0.80 11.98 -7.90
O1 EDO E . 0.12 12.91 -8.69
C2 EDO E . 2.16 12.45 -7.38
O2 EDO E . 2.72 13.48 -8.15
C1 FPP F . -5.43 -0.17 -5.56
O1 FPP F . -5.73 -1.23 -6.43
C2 FPP F . -4.19 -0.32 -4.92
C3 FPP F . -3.27 0.80 -4.54
C4 FPP F . -3.11 1.85 -5.62
C5 FPP F . -1.95 0.27 -3.90
C6 FPP F . -0.83 -0.38 -4.70
C7 FPP F . 0.40 -0.70 -4.09
C8 FPP F . 0.55 -1.89 -3.17
C10 FPP F . -0.13 -3.15 -3.64
C9 FPP F . 1.97 -2.17 -2.71
C11 FPP F . 2.93 -0.98 -2.50
C12 FPP F . 4.04 -1.22 -1.68
C13 FPP F . 5.39 -1.65 -2.23
C14 FPP F . 5.59 -1.91 -3.70
C15 FPP F . 6.51 -1.94 -1.26
PA FPP F . -7.12 -1.94 -6.41
O1A FPP F . -8.20 -0.95 -6.71
O2A FPP F . -7.00 -3.00 -7.47
O3A FPP F . -7.32 -2.64 -5.01
PB FPP F . -8.34 -2.23 -3.86
O1B FPP F . -9.76 -2.38 -4.31
O2B FPP F . -8.08 -0.85 -3.35
O3B FPP F . -8.00 -3.25 -2.79
ZN ZN G . -4.37 -8.30 -3.38
C1 EDO H . 4.95 -20.96 -14.18
O1 EDO H . 3.85 -21.96 -14.05
C2 EDO H . 6.18 -21.45 -14.69
O2 EDO H . 5.14 -21.52 -16.00
C1 EDO I . 3.64 -14.76 -11.27
O1 EDO I . 3.75 -13.71 -10.10
C2 EDO I . 2.15 -15.24 -11.34
O2 EDO I . 2.15 -16.03 -10.11
K K J . 5.94 -1.75 -7.85
C1 EDO K . -18.14 -3.99 6.45
O1 EDO K . -18.55 -5.27 6.77
C2 EDO K . -18.13 -3.60 4.98
O2 EDO K . -19.28 -3.03 4.63
#